data_6K9G
#
_entry.id   6K9G
#
_cell.length_a   67.433
_cell.length_b   103.739
_cell.length_c   152.233
_cell.angle_alpha   90.00
_cell.angle_beta   90.00
_cell.angle_gamma   90.00
#
_symmetry.space_group_name_H-M   'P 21 21 21'
#
loop_
_entity.id
_entity.type
_entity.pdbx_description
1 polymer 'Oxysterols receptor LXR-beta'
2 non-polymer "~{tert}-butyl (2'~{R},3~{R})-2'-[3-[4-(hydroxymethyl)-3-methylsulfonyl-phenyl]phenyl]-2-oxidanylidene-spiro[1~{H}-indole-3,3'-pyrrolidine]-1'-carboxylate"
3 water water
#
_entity_poly.entity_id   1
_entity_poly.type   'polypeptide(L)'
_entity_poly.pdbx_seq_one_letter_code
;MGHHHHHHGEGVQLTAAQELMIQQLVAAQLQCNKRSFSDQPKVTPWPLGADPASGSASQQRFAHFTELAIISVQEIVDFA
KQVPGFLQLGREDQIALLKASTIEIMLLETARRYNHETECITFLKDFTYSKDDFHRAGLQVEFINPIFEFSRAMRRLGLD
DAEYALLIAINIFSADRPNVQEPGRVEALQQPYVEALLSYTRIKRPQDQLRFPRMLMKLVSLRTLSSVHSEQVFALRLQD
KKLPPLLSEIWDVHEGSGSGSHKILHRLLQDSSS
;
_entity_poly.pdbx_strand_id   A,B,C,D
#
# COMPACT_ATOMS: atom_id res chain seq x y z
N LEU A 14 3.37 -10.93 32.77
CA LEU A 14 2.16 -11.82 32.73
C LEU A 14 2.11 -12.74 33.95
N THR A 15 0.92 -12.89 34.54
CA THR A 15 0.74 -13.76 35.71
C THR A 15 0.82 -15.23 35.31
N ALA A 16 1.09 -16.10 36.29
CA ALA A 16 1.29 -17.54 36.04
C ALA A 16 0.03 -18.27 35.56
N ALA A 17 -1.15 -17.79 35.97
CA ALA A 17 -2.43 -18.34 35.51
C ALA A 17 -2.68 -18.08 34.02
N GLN A 18 -2.19 -16.95 33.51
CA GLN A 18 -2.23 -16.64 32.08
C GLN A 18 -1.30 -17.56 31.29
N GLU A 19 -0.05 -17.65 31.74
CA GLU A 19 0.97 -18.51 31.09
C GLU A 19 0.51 -19.95 30.86
N LEU A 20 -0.21 -20.50 31.84
CA LEU A 20 -0.82 -21.84 31.71
C LEU A 20 -1.97 -21.83 30.69
N MET A 21 -2.80 -20.79 30.73
CA MET A 21 -3.90 -20.60 29.79
C MET A 21 -3.46 -20.49 28.32
N ILE A 22 -2.43 -19.69 28.04
CA ILE A 22 -1.88 -19.58 26.69
C ILE A 22 -1.34 -20.93 26.21
N GLN A 23 -0.62 -21.63 27.08
CA GLN A 23 -0.13 -22.98 26.78
C GLN A 23 -1.28 -23.95 26.49
N GLN A 24 -2.39 -23.82 27.23
CA GLN A 24 -3.61 -24.58 26.97
C GLN A 24 -4.24 -24.24 25.61
N LEU A 25 -4.30 -22.94 25.29
CA LEU A 25 -4.85 -22.49 24.01
C LEU A 25 -4.01 -22.88 22.80
N VAL A 26 -2.69 -22.70 22.90
CA VAL A 26 -1.78 -23.04 21.79
C VAL A 26 -1.78 -24.56 21.54
N ALA A 27 -1.86 -25.35 22.62
CA ALA A 27 -1.94 -26.82 22.53
C ALA A 27 -3.23 -27.31 21.85
N ALA A 28 -4.35 -26.66 22.15
CA ALA A 28 -5.64 -27.01 21.53
C ALA A 28 -5.65 -26.69 20.04
N GLN A 29 -5.17 -25.50 19.69
CA GLN A 29 -4.94 -25.13 18.28
C GLN A 29 -4.02 -26.15 17.61
N LEU A 30 -2.93 -26.45 18.30
CA LEU A 30 -1.94 -27.40 17.80
C LEU A 30 -2.52 -28.80 17.58
N GLN A 31 -3.28 -29.28 18.55
CA GLN A 31 -3.89 -30.61 18.45
C GLN A 31 -4.87 -30.72 17.28
N CYS A 32 -5.56 -29.62 16.99
CA CYS A 32 -6.49 -29.54 15.86
C CYS A 32 -5.80 -29.58 14.50
N ASN A 33 -4.66 -28.90 14.37
CA ASN A 33 -3.91 -28.90 13.11
C ASN A 33 -3.49 -30.32 12.72
N LYS A 34 -3.09 -31.11 13.72
CA LYS A 34 -2.74 -32.54 13.53
C LYS A 34 -3.91 -33.40 13.08
N ARG A 35 -5.11 -33.10 13.56
CA ARG A 35 -6.27 -33.93 13.28
C ARG A 35 -6.65 -34.00 11.81
N SER A 36 -6.60 -32.89 11.13
CA SER A 36 -7.00 -32.84 9.74
C SER A 36 -6.13 -33.72 8.87
N PHE A 37 -4.83 -33.70 9.12
CA PHE A 37 -3.91 -34.43 8.30
C PHE A 37 -4.39 -35.85 8.37
N SER A 38 -4.98 -36.22 9.49
CA SER A 38 -5.49 -37.56 9.64
C SER A 38 -6.50 -37.71 8.54
N ASP A 39 -7.13 -36.61 8.17
CA ASP A 39 -8.18 -36.62 7.15
C ASP A 39 -7.76 -36.26 5.71
N GLN A 40 -6.47 -36.05 5.44
CA GLN A 40 -6.07 -35.63 4.10
C GLN A 40 -6.34 -36.62 2.97
N PRO A 41 -6.05 -37.88 3.21
CA PRO A 41 -6.35 -38.90 2.20
C PRO A 41 -7.84 -39.00 1.88
N LYS A 42 -8.65 -38.72 2.89
CA LYS A 42 -10.09 -38.86 2.83
C LYS A 42 -10.81 -37.95 1.84
N VAL A 43 -10.16 -36.86 1.45
CA VAL A 43 -10.79 -35.87 0.57
C VAL A 43 -10.93 -36.23 -0.88
N THR A 44 -11.89 -35.59 -1.52
CA THR A 44 -12.16 -35.73 -2.93
C THR A 44 -10.92 -35.25 -3.61
N PRO A 45 -10.50 -35.87 -4.70
CA PRO A 45 -9.26 -35.43 -5.34
C PRO A 45 -9.38 -34.15 -6.16
N TRP A 46 -8.29 -33.38 -6.21
CA TRP A 46 -8.18 -32.22 -7.09
C TRP A 46 -8.00 -32.73 -8.53
N PRO A 47 -8.80 -32.21 -9.49
CA PRO A 47 -8.67 -32.70 -10.88
C PRO A 47 -7.33 -32.34 -11.55
N LEU A 48 -6.65 -33.36 -12.08
CA LEU A 48 -5.35 -33.20 -12.74
C LEU A 48 -5.48 -33.58 -14.21
N GLY A 49 -4.81 -32.81 -15.07
CA GLY A 49 -4.88 -33.03 -16.52
C GLY A 49 -6.18 -32.63 -17.18
N ALA A 50 -7.03 -31.90 -16.46
CA ALA A 50 -8.33 -31.44 -16.98
C ALA A 50 -8.19 -30.00 -17.43
N ASP A 51 -9.07 -29.59 -18.35
CA ASP A 51 -9.08 -28.24 -18.88
C ASP A 51 -9.46 -27.24 -17.77
N PRO A 52 -8.67 -26.15 -17.61
CA PRO A 52 -9.05 -25.03 -16.73
C PRO A 52 -10.47 -24.48 -16.92
N ALA A 53 -10.92 -24.43 -18.17
CA ALA A 53 -12.25 -23.89 -18.51
C ALA A 53 -13.41 -24.89 -18.33
N SER A 54 -13.10 -26.16 -18.02
CA SER A 54 -14.11 -27.23 -17.92
C SER A 54 -15.08 -27.01 -16.77
N GLY A 55 -16.38 -26.92 -17.09
CA GLY A 55 -17.43 -26.79 -16.09
C GLY A 55 -17.55 -28.01 -15.20
N SER A 56 -17.32 -29.18 -15.77
CA SER A 56 -17.24 -30.45 -15.03
C SER A 56 -16.11 -30.43 -13.99
N ALA A 57 -14.90 -30.06 -14.45
CA ALA A 57 -13.71 -29.99 -13.60
C ALA A 57 -13.85 -28.93 -12.51
N SER A 58 -14.38 -27.76 -12.87
CA SER A 58 -14.59 -26.66 -11.91
C SER A 58 -15.52 -27.05 -10.75
N GLN A 59 -16.50 -27.89 -11.04
CA GLN A 59 -17.42 -28.40 -9.99
C GLN A 59 -16.70 -29.34 -9.01
N GLN A 60 -15.79 -30.17 -9.52
CA GLN A 60 -14.98 -31.04 -8.66
C GLN A 60 -13.97 -30.25 -7.80
N ARG A 61 -13.39 -29.20 -8.38
CA ARG A 61 -12.52 -28.27 -7.64
C ARG A 61 -13.28 -27.59 -6.50
N PHE A 62 -14.50 -27.14 -6.80
CA PHE A 62 -15.39 -26.56 -5.79
C PHE A 62 -15.73 -27.56 -4.70
N ALA A 63 -16.08 -28.79 -5.11
CA ALA A 63 -16.37 -29.88 -4.17
C ALA A 63 -15.19 -30.19 -3.27
N HIS A 64 -13.98 -30.17 -3.84
CA HIS A 64 -12.74 -30.32 -3.06
C HIS A 64 -12.61 -29.26 -1.95
N PHE A 65 -12.86 -28.00 -2.30
CA PHE A 65 -12.75 -26.88 -1.34
C PHE A 65 -13.81 -26.90 -0.23
N THR A 66 -15.03 -27.33 -0.55
CA THR A 66 -16.09 -27.40 0.45
C THR A 66 -15.78 -28.44 1.52
N GLU A 67 -15.18 -29.56 1.10
CA GLU A 67 -14.79 -30.63 2.03
C GLU A 67 -13.63 -30.21 2.91
N LEU A 68 -12.70 -29.44 2.34
CA LEU A 68 -11.65 -28.79 3.12
C LEU A 68 -12.29 -27.79 4.11
N ALA A 69 -13.17 -26.94 3.60
CA ALA A 69 -13.92 -25.99 4.45
C ALA A 69 -14.68 -26.68 5.59
N ILE A 70 -15.23 -27.87 5.33
CA ILE A 70 -15.88 -28.68 6.38
C ILE A 70 -14.90 -29.08 7.49
N ILE A 71 -13.74 -29.62 7.09
CA ILE A 71 -12.71 -30.04 8.05
C ILE A 71 -12.29 -28.86 8.92
N SER A 72 -12.19 -27.68 8.32
CA SER A 72 -11.84 -26.46 9.05
C SER A 72 -12.92 -26.04 10.05
N VAL A 73 -14.19 -26.17 9.67
CA VAL A 73 -15.29 -25.85 10.58
C VAL A 73 -15.26 -26.80 11.79
N GLN A 74 -15.06 -28.08 11.53
CA GLN A 74 -14.94 -29.10 12.59
C GLN A 74 -13.79 -28.80 13.57
N GLU A 75 -12.64 -28.39 13.03
CA GLU A 75 -11.49 -27.96 13.85
C GLU A 75 -11.86 -26.80 14.77
N ILE A 76 -12.55 -25.81 14.22
CA ILE A 76 -12.93 -24.61 14.94
C ILE A 76 -13.95 -24.93 16.05
N VAL A 77 -14.92 -25.78 15.73
CA VAL A 77 -15.89 -26.26 16.73
C VAL A 77 -15.17 -27.03 17.85
N ASP A 78 -14.29 -27.96 17.48
CA ASP A 78 -13.53 -28.74 18.46
C ASP A 78 -12.57 -27.87 19.28
N PHE A 79 -12.01 -26.83 18.66
CA PHE A 79 -11.17 -25.86 19.38
C PHE A 79 -11.97 -25.02 20.37
N ALA A 80 -13.15 -24.57 19.94
CA ALA A 80 -14.06 -23.77 20.78
C ALA A 80 -14.49 -24.49 22.06
N LYS A 81 -14.61 -25.82 22.01
CA LYS A 81 -14.95 -26.60 23.20
C LYS A 81 -13.78 -26.73 24.18
N GLN A 82 -12.55 -26.61 23.68
CA GLN A 82 -11.33 -26.62 24.50
C GLN A 82 -11.01 -25.27 25.16
N VAL A 83 -11.44 -24.15 24.57
CA VAL A 83 -11.19 -22.82 25.17
C VAL A 83 -12.06 -22.63 26.43
N PRO A 84 -11.44 -22.27 27.58
CA PRO A 84 -12.17 -22.16 28.87
C PRO A 84 -13.36 -21.20 28.89
N GLY A 85 -14.49 -21.69 29.40
CA GLY A 85 -15.69 -20.89 29.57
C GLY A 85 -16.72 -20.97 28.46
N PHE A 86 -16.35 -21.55 27.31
CA PHE A 86 -17.27 -21.66 26.18
C PHE A 86 -18.42 -22.62 26.48
N LEU A 87 -18.09 -23.83 26.93
CA LEU A 87 -19.10 -24.84 27.26
C LEU A 87 -19.97 -24.47 28.48
N GLN A 88 -19.47 -23.55 29.32
CA GLN A 88 -20.28 -22.98 30.41
C GLN A 88 -21.46 -22.12 29.92
N LEU A 89 -21.41 -21.66 28.68
CA LEU A 89 -22.54 -20.94 28.07
C LEU A 89 -23.64 -21.88 27.62
N GLY A 90 -24.83 -21.32 27.40
CA GLY A 90 -25.96 -22.06 26.84
C GLY A 90 -25.70 -22.42 25.39
N ARG A 91 -26.20 -23.60 24.98
CA ARG A 91 -25.95 -24.12 23.62
C ARG A 91 -26.48 -23.20 22.51
N GLU A 92 -27.59 -22.50 22.77
CA GLU A 92 -28.09 -21.47 21.85
C GLU A 92 -27.08 -20.33 21.65
N ASP A 93 -26.43 -19.91 22.73
CA ASP A 93 -25.33 -18.92 22.65
C ASP A 93 -24.08 -19.48 21.97
N GLN A 94 -23.72 -20.72 22.30
CA GLN A 94 -22.52 -21.37 21.75
C GLN A 94 -22.51 -21.33 20.22
N ILE A 95 -23.57 -21.87 19.61
CA ILE A 95 -23.73 -21.83 18.15
C ILE A 95 -23.84 -20.41 17.59
N ALA A 96 -24.55 -19.52 18.28
CA ALA A 96 -24.67 -18.11 17.87
C ALA A 96 -23.30 -17.43 17.75
N LEU A 97 -22.41 -17.71 18.70
CA LEU A 97 -21.02 -17.27 18.64
C LEU A 97 -20.26 -17.95 17.49
N LEU A 98 -20.50 -19.25 17.30
CA LEU A 98 -19.84 -20.01 16.22
C LEU A 98 -20.27 -19.63 14.80
N LYS A 99 -21.56 -19.44 14.55
CA LYS A 99 -22.02 -19.05 13.20
C LYS A 99 -21.29 -17.80 12.72
N ALA A 100 -21.28 -16.78 13.57
CA ALA A 100 -20.65 -15.50 13.28
C ALA A 100 -19.13 -15.55 13.19
N SER A 101 -18.49 -16.39 14.01
CA SER A 101 -17.03 -16.44 14.10
C SER A 101 -16.34 -17.41 13.14
N THR A 102 -16.96 -18.57 12.85
CA THR A 102 -16.31 -19.64 12.07
C THR A 102 -15.63 -19.14 10.78
N ILE A 103 -16.33 -18.30 10.02
CA ILE A 103 -15.74 -17.70 8.80
C ILE A 103 -14.53 -16.82 9.11
N GLU A 104 -14.62 -16.01 10.17
CA GLU A 104 -13.53 -15.10 10.55
C GLU A 104 -12.32 -15.88 11.09
N ILE A 105 -12.59 -16.93 11.87
CA ILE A 105 -11.55 -17.85 12.34
C ILE A 105 -10.86 -18.53 11.15
N MET A 106 -11.66 -18.91 10.14
CA MET A 106 -11.14 -19.55 8.92
C MET A 106 -10.22 -18.64 8.08
N LEU A 107 -10.56 -17.37 7.99
CA LEU A 107 -9.73 -16.40 7.27
C LEU A 107 -8.43 -16.10 8.03
N LEU A 108 -8.49 -16.12 9.37
CA LEU A 108 -7.26 -16.05 10.19
C LEU A 108 -6.37 -17.26 9.94
N GLU A 109 -6.98 -18.44 9.93
CA GLU A 109 -6.27 -19.69 9.65
C GLU A 109 -5.76 -19.75 8.21
N THR A 110 -6.55 -19.23 7.27
CA THR A 110 -6.14 -19.09 5.86
C THR A 110 -4.93 -18.17 5.74
N ALA A 111 -4.98 -17.03 6.42
CA ALA A 111 -3.85 -16.08 6.47
C ALA A 111 -2.61 -16.70 7.11
N ARG A 112 -2.82 -17.52 8.14
CA ARG A 112 -1.74 -18.26 8.81
C ARG A 112 -1.02 -19.25 7.86
N ARG A 113 -1.77 -19.80 6.92
CA ARG A 113 -1.24 -20.76 5.93
C ARG A 113 -0.72 -20.15 4.61
N TYR A 114 -0.80 -18.82 4.48
CA TYR A 114 -0.29 -18.12 3.29
C TYR A 114 1.25 -18.02 3.31
N ASN A 115 1.83 -18.19 2.14
CA ASN A 115 3.28 -18.04 1.90
C ASN A 115 3.43 -16.92 0.87
N HIS A 116 4.18 -15.87 1.21
CA HIS A 116 4.39 -14.74 0.31
C HIS A 116 5.48 -14.97 -0.76
N GLU A 117 6.41 -15.89 -0.48
CA GLU A 117 7.46 -16.25 -1.43
C GLU A 117 6.87 -16.90 -2.69
N THR A 118 6.03 -17.91 -2.47
CA THR A 118 5.34 -18.62 -3.56
C THR A 118 3.98 -18.01 -3.92
N GLU A 119 3.42 -17.18 -3.03
CA GLU A 119 2.05 -16.63 -3.14
C GLU A 119 0.96 -17.72 -3.15
N CYS A 120 1.25 -18.84 -2.48
CA CYS A 120 0.36 -19.99 -2.43
C CYS A 120 -0.05 -20.28 -0.98
N ILE A 121 -1.31 -20.70 -0.81
CA ILE A 121 -1.86 -21.06 0.50
C ILE A 121 -1.86 -22.59 0.61
N THR A 122 -1.20 -23.11 1.64
CA THR A 122 -1.08 -24.55 1.86
C THR A 122 -2.09 -25.04 2.92
N PHE A 123 -3.10 -25.78 2.46
CA PHE A 123 -4.10 -26.38 3.35
C PHE A 123 -3.71 -27.81 3.73
N LEU A 124 -4.15 -28.23 4.92
CA LEU A 124 -3.79 -29.54 5.50
C LEU A 124 -2.25 -29.73 5.56
N LYS A 125 -1.74 -30.90 5.20
CA LYS A 125 -0.29 -31.16 5.23
C LYS A 125 0.45 -30.49 4.06
N ASP A 126 -0.04 -30.69 2.84
CA ASP A 126 0.65 -30.21 1.64
C ASP A 126 -0.26 -29.94 0.42
N PHE A 127 -1.47 -29.43 0.66
CA PHE A 127 -2.43 -29.10 -0.41
C PHE A 127 -2.29 -27.61 -0.74
N THR A 128 -1.44 -27.29 -1.71
CA THR A 128 -1.07 -25.90 -2.04
C THR A 128 -1.88 -25.37 -3.22
N TYR A 129 -2.41 -24.16 -3.09
CA TYR A 129 -3.24 -23.54 -4.13
C TYR A 129 -2.87 -22.07 -4.32
N SER A 130 -2.87 -21.64 -5.59
CA SER A 130 -2.61 -20.26 -5.98
C SER A 130 -3.92 -19.50 -6.21
N LYS A 131 -3.81 -18.20 -6.46
CA LYS A 131 -4.96 -17.33 -6.75
C LYS A 131 -5.79 -17.82 -7.96
N ASP A 132 -5.12 -18.42 -8.95
CA ASP A 132 -5.80 -18.98 -10.12
C ASP A 132 -6.63 -20.21 -9.79
N ASP A 133 -6.12 -21.07 -8.90
CA ASP A 133 -6.80 -22.32 -8.51
C ASP A 133 -8.14 -22.09 -7.82
N PHE A 134 -8.24 -21.03 -7.03
CA PHE A 134 -9.52 -20.60 -6.43
C PHE A 134 -10.47 -20.07 -7.52
N HIS A 135 -9.91 -19.35 -8.49
CA HIS A 135 -10.67 -18.87 -9.65
C HIS A 135 -11.24 -19.99 -10.53
N ARG A 136 -10.47 -21.07 -10.66
CA ARG A 136 -10.91 -22.25 -11.43
C ARG A 136 -11.94 -23.14 -10.71
N ALA A 137 -12.15 -22.93 -9.41
CA ALA A 137 -13.23 -23.58 -8.68
C ALA A 137 -14.57 -22.83 -8.77
N GLY A 138 -14.61 -21.75 -9.56
CA GLY A 138 -15.82 -20.96 -9.73
C GLY A 138 -16.00 -19.82 -8.73
N LEU A 139 -14.97 -19.53 -7.93
CA LEU A 139 -14.98 -18.40 -7.02
C LEU A 139 -14.54 -17.15 -7.77
N GLN A 140 -15.23 -16.03 -7.54
CA GLN A 140 -14.93 -14.78 -8.23
C GLN A 140 -13.69 -14.12 -7.65
N VAL A 141 -12.89 -13.48 -8.51
CA VAL A 141 -11.67 -12.76 -8.08
C VAL A 141 -11.95 -11.57 -7.16
N GLU A 142 -13.13 -10.97 -7.29
CA GLU A 142 -13.57 -9.90 -6.38
C GLU A 142 -13.65 -10.37 -4.91
N PHE A 143 -14.00 -11.64 -4.71
CA PHE A 143 -14.03 -12.26 -3.38
C PHE A 143 -12.70 -12.92 -2.98
N ILE A 144 -11.94 -13.42 -3.96
CA ILE A 144 -10.64 -14.06 -3.70
C ILE A 144 -9.59 -13.04 -3.26
N ASN A 145 -9.45 -11.95 -4.00
CA ASN A 145 -8.38 -10.96 -3.79
C ASN A 145 -8.33 -10.31 -2.39
N PRO A 146 -9.51 -9.99 -1.79
CA PRO A 146 -9.52 -9.51 -0.40
C PRO A 146 -8.92 -10.49 0.63
N ILE A 147 -9.09 -11.79 0.39
CA ILE A 147 -8.55 -12.83 1.29
C ILE A 147 -7.02 -12.86 1.20
N PHE A 148 -6.49 -12.68 -0.01
CA PHE A 148 -5.04 -12.56 -0.21
C PHE A 148 -4.47 -11.24 0.34
N GLU A 149 -5.20 -10.14 0.16
CA GLU A 149 -4.81 -8.84 0.74
C GLU A 149 -4.76 -8.92 2.27
N PHE A 150 -5.79 -9.52 2.86
CA PHE A 150 -5.84 -9.80 4.29
C PHE A 150 -4.70 -10.72 4.75
N SER A 151 -4.40 -11.74 3.94
CA SER A 151 -3.31 -12.69 4.23
C SER A 151 -1.92 -12.01 4.26
N ARG A 152 -1.70 -11.06 3.34
CA ARG A 152 -0.47 -10.27 3.31
C ARG A 152 -0.37 -9.29 4.48
N ALA A 153 -1.50 -8.73 4.90
CA ALA A 153 -1.54 -7.81 6.03
C ALA A 153 -1.21 -8.49 7.37
N MET A 154 -1.61 -9.75 7.51
CA MET A 154 -1.30 -10.55 8.71
C MET A 154 0.16 -10.96 8.81
N ARG A 155 0.82 -11.16 7.66
CA ARG A 155 2.24 -11.52 7.66
C ARG A 155 3.13 -10.34 8.07
N ARG A 156 2.71 -9.13 7.68
CA ARG A 156 3.38 -7.88 8.09
C ARG A 156 3.39 -7.68 9.61
N LEU A 157 2.31 -8.07 10.28
CA LEU A 157 2.27 -8.05 11.76
C LEU A 157 3.19 -9.09 12.38
N GLY A 158 3.31 -10.25 11.74
CA GLY A 158 4.27 -11.27 12.16
C GLY A 158 3.85 -11.96 13.45
N LEU A 159 2.62 -12.47 13.46
CA LEU A 159 2.04 -13.05 14.68
C LEU A 159 2.62 -14.43 14.93
N ASP A 160 2.69 -14.81 16.21
CA ASP A 160 3.12 -16.15 16.62
C ASP A 160 1.93 -16.97 17.16
N ASP A 161 2.19 -18.22 17.51
CA ASP A 161 1.15 -19.16 17.95
C ASP A 161 0.30 -18.66 19.14
N ALA A 162 0.95 -18.04 20.12
CA ALA A 162 0.26 -17.49 21.29
C ALA A 162 -0.70 -16.35 20.90
N GLU A 163 -0.22 -15.45 20.05
CA GLU A 163 -0.98 -14.28 19.63
C GLU A 163 -2.17 -14.63 18.75
N TYR A 164 -1.97 -15.59 17.83
CA TYR A 164 -3.09 -16.13 17.04
C TYR A 164 -4.16 -16.72 17.95
N ALA A 165 -3.77 -17.71 18.76
CA ALA A 165 -4.67 -18.42 19.68
C ALA A 165 -5.48 -17.48 20.58
N LEU A 166 -4.83 -16.46 21.12
CA LEU A 166 -5.51 -15.43 21.93
C LEU A 166 -6.47 -14.58 21.08
N LEU A 167 -6.04 -14.22 19.88
CA LEU A 167 -6.89 -13.45 18.95
C LEU A 167 -8.11 -14.25 18.48
N ILE A 168 -7.95 -15.58 18.40
CA ILE A 168 -9.03 -16.50 18.04
C ILE A 168 -10.10 -16.48 19.14
N ALA A 169 -9.66 -16.68 20.39
CA ALA A 169 -10.55 -16.68 21.56
C ALA A 169 -11.27 -15.34 21.78
N ILE A 170 -10.55 -14.24 21.58
CA ILE A 170 -11.15 -12.89 21.62
C ILE A 170 -12.26 -12.77 20.57
N ASN A 171 -11.99 -13.27 19.36
CA ASN A 171 -12.96 -13.21 18.26
C ASN A 171 -14.21 -14.04 18.53
N ILE A 172 -14.04 -15.21 19.17
CA ILE A 172 -15.18 -16.07 19.52
C ILE A 172 -16.12 -15.36 20.50
N PHE A 173 -15.57 -14.82 21.58
CA PHE A 173 -16.34 -14.15 22.61
C PHE A 173 -16.62 -12.69 22.26
N SER A 174 -17.45 -12.47 21.24
CA SER A 174 -17.94 -11.14 20.89
C SER A 174 -19.40 -11.03 21.31
N ALA A 175 -19.70 -10.05 22.17
CA ALA A 175 -21.08 -9.70 22.51
C ALA A 175 -21.81 -9.06 21.33
N ASP A 176 -21.03 -8.48 20.41
CA ASP A 176 -21.53 -7.85 19.18
C ASP A 176 -22.28 -8.78 18.20
N ARG A 177 -22.15 -10.10 18.33
CA ARG A 177 -22.79 -11.03 17.40
C ARG A 177 -24.31 -10.98 17.49
N PRO A 178 -25.02 -11.36 16.40
CA PRO A 178 -26.48 -11.46 16.47
C PRO A 178 -26.96 -12.72 17.20
N ASN A 179 -28.17 -12.63 17.77
CA ASN A 179 -28.83 -13.73 18.49
C ASN A 179 -28.05 -14.25 19.71
N VAL A 180 -27.37 -13.34 20.42
CA VAL A 180 -26.66 -13.67 21.66
C VAL A 180 -27.59 -13.30 22.81
N GLN A 181 -27.97 -14.31 23.60
CA GLN A 181 -28.93 -14.14 24.69
C GLN A 181 -28.30 -13.51 25.93
N GLU A 182 -27.03 -13.84 26.20
CA GLU A 182 -26.29 -13.30 27.35
C GLU A 182 -25.00 -12.58 26.91
N PRO A 183 -25.12 -11.33 26.41
CA PRO A 183 -23.96 -10.51 26.02
C PRO A 183 -23.01 -10.11 27.15
N GLY A 184 -23.53 -9.90 28.36
CA GLY A 184 -22.72 -9.54 29.51
C GLY A 184 -21.72 -10.61 29.88
N ARG A 185 -22.19 -11.86 29.91
CA ARG A 185 -21.36 -13.01 30.24
C ARG A 185 -20.26 -13.27 29.20
N VAL A 186 -20.61 -13.12 27.92
CA VAL A 186 -19.66 -13.34 26.83
C VAL A 186 -18.58 -12.24 26.81
N GLU A 187 -18.98 -10.99 27.06
CA GLU A 187 -18.03 -9.88 27.22
C GLU A 187 -17.15 -10.06 28.46
N ALA A 188 -17.71 -10.57 29.55
CA ALA A 188 -16.94 -10.94 30.73
C ALA A 188 -15.94 -12.05 30.43
N LEU A 189 -16.38 -13.03 29.64
CA LEU A 189 -15.50 -14.13 29.19
C LEU A 189 -14.37 -13.67 28.26
N GLN A 190 -14.63 -12.65 27.43
CA GLN A 190 -13.63 -12.10 26.51
C GLN A 190 -12.49 -11.36 27.24
N GLN A 191 -12.83 -10.58 28.26
CA GLN A 191 -11.90 -9.66 28.93
C GLN A 191 -10.56 -10.28 29.35
N PRO A 192 -10.57 -11.49 29.95
CA PRO A 192 -9.31 -12.19 30.25
C PRO A 192 -8.43 -12.49 29.04
N TYR A 193 -9.05 -12.80 27.89
CA TYR A 193 -8.29 -13.07 26.66
C TYR A 193 -7.67 -11.80 26.09
N VAL A 194 -8.36 -10.66 26.27
CA VAL A 194 -7.83 -9.35 25.89
C VAL A 194 -6.70 -8.95 26.84
N GLU A 195 -6.89 -9.18 28.14
CA GLU A 195 -5.85 -8.95 29.17
C GLU A 195 -4.57 -9.72 28.86
N ALA A 196 -4.73 -11.02 28.63
CA ALA A 196 -3.62 -11.90 28.31
C ALA A 196 -2.88 -11.44 27.05
N LEU A 197 -3.63 -11.08 26.01
CA LEU A 197 -3.05 -10.64 24.75
C LEU A 197 -2.36 -9.28 24.87
N LEU A 198 -2.97 -8.35 25.61
CA LEU A 198 -2.35 -7.04 25.86
C LEU A 198 -1.03 -7.22 26.58
N SER A 199 -1.07 -7.88 27.74
CA SER A 199 0.12 -8.15 28.54
C SER A 199 1.19 -8.96 27.81
N TYR A 200 0.77 -9.91 26.97
CA TYR A 200 1.71 -10.70 26.17
C TYR A 200 2.42 -9.86 25.08
N THR A 201 1.68 -8.94 24.45
CA THR A 201 2.27 -8.06 23.42
C THR A 201 3.28 -7.05 23.99
N ARG A 202 3.16 -6.70 25.27
CA ARG A 202 4.08 -5.75 25.91
C ARG A 202 5.43 -6.39 26.25
N ILE A 203 5.45 -7.68 26.59
CA ILE A 203 6.70 -8.41 26.85
C ILE A 203 7.45 -8.76 25.56
N LYS A 204 6.72 -9.10 24.51
CA LYS A 204 7.30 -9.52 23.24
C LYS A 204 7.92 -8.36 22.47
N ARG A 205 7.17 -7.28 22.36
CA ARG A 205 7.61 -6.06 21.66
C ARG A 205 7.32 -4.81 22.50
N PRO A 206 8.17 -4.52 23.51
CA PRO A 206 8.06 -3.26 24.25
C PRO A 206 8.32 -2.02 23.38
N GLN A 207 9.20 -2.16 22.39
CA GLN A 207 9.50 -1.09 21.44
C GLN A 207 8.28 -0.66 20.62
N ASP A 208 7.53 -1.64 20.11
CA ASP A 208 6.33 -1.39 19.31
C ASP A 208 5.07 -1.41 20.18
N GLN A 209 4.62 -0.22 20.59
CA GLN A 209 3.41 -0.07 21.41
C GLN A 209 2.13 -0.19 20.59
N LEU A 210 2.19 0.17 19.31
CA LEU A 210 1.04 0.07 18.38
C LEU A 210 0.85 -1.32 17.73
N ARG A 211 1.63 -2.32 18.15
CA ARG A 211 1.47 -3.68 17.64
C ARG A 211 0.13 -4.30 18.04
N PHE A 212 -0.24 -4.13 19.32
CA PHE A 212 -1.49 -4.69 19.85
C PHE A 212 -2.78 -4.06 19.28
N PRO A 213 -2.82 -2.72 19.13
CA PRO A 213 -3.94 -2.07 18.44
C PRO A 213 -4.15 -2.58 17.01
N ARG A 214 -3.05 -2.70 16.27
CA ARG A 214 -3.08 -3.23 14.90
C ARG A 214 -3.68 -4.63 14.80
N MET A 215 -3.44 -5.48 15.80
CA MET A 215 -4.07 -6.80 15.89
C MET A 215 -5.59 -6.73 16.05
N LEU A 216 -6.04 -5.86 16.95
CA LEU A 216 -7.47 -5.65 17.20
C LEU A 216 -8.20 -5.02 16.00
N MET A 217 -7.48 -4.27 15.18
CA MET A 217 -8.05 -3.73 13.93
C MET A 217 -8.18 -4.78 12.82
N LYS A 218 -7.57 -5.96 13.01
CA LYS A 218 -7.78 -7.08 12.07
C LYS A 218 -9.17 -7.69 12.32
N LEU A 219 -9.63 -7.66 13.56
CA LEU A 219 -11.01 -8.03 13.88
C LEU A 219 -12.02 -7.11 13.20
N VAL A 220 -11.65 -5.84 13.01
CA VAL A 220 -12.46 -4.88 12.23
C VAL A 220 -12.47 -5.30 10.76
N SER A 221 -11.31 -5.66 10.22
CA SER A 221 -11.19 -6.17 8.84
C SER A 221 -12.06 -7.41 8.63
N LEU A 222 -11.97 -8.34 9.57
CA LEU A 222 -12.71 -9.62 9.51
C LEU A 222 -14.24 -9.48 9.44
N ARG A 223 -14.81 -8.40 9.97
CA ARG A 223 -16.26 -8.16 9.90
C ARG A 223 -16.73 -7.81 8.50
N THR A 224 -15.96 -6.98 7.78
CA THR A 224 -16.21 -6.73 6.36
C THR A 224 -15.98 -8.03 5.57
N LEU A 225 -14.95 -8.79 5.93
CA LEU A 225 -14.65 -10.07 5.27
C LEU A 225 -15.71 -11.14 5.54
N SER A 226 -16.36 -11.09 6.70
CA SER A 226 -17.53 -11.93 6.97
C SER A 226 -18.69 -11.55 6.07
N SER A 227 -18.89 -10.24 5.87
CA SER A 227 -19.99 -9.71 5.05
C SER A 227 -19.84 -9.99 3.56
N VAL A 228 -18.63 -9.82 3.02
CA VAL A 228 -18.36 -10.16 1.61
C VAL A 228 -18.53 -11.66 1.33
N HIS A 229 -18.21 -12.49 2.33
CA HIS A 229 -18.38 -13.95 2.21
C HIS A 229 -19.86 -14.34 2.16
N SER A 230 -20.71 -13.64 2.92
CA SER A 230 -22.16 -13.81 2.83
C SER A 230 -22.71 -13.41 1.46
N GLU A 231 -22.14 -12.35 0.88
CA GLU A 231 -22.44 -11.94 -0.50
C GLU A 231 -21.99 -12.99 -1.53
N GLN A 232 -20.82 -13.60 -1.30
CA GLN A 232 -20.31 -14.67 -2.15
C GLN A 232 -21.18 -15.92 -2.09
N VAL A 233 -21.40 -16.43 -0.88
CA VAL A 233 -22.18 -17.66 -0.66
C VAL A 233 -23.60 -17.58 -1.27
N PHE A 234 -24.24 -16.42 -1.14
CA PHE A 234 -25.53 -16.18 -1.79
C PHE A 234 -25.42 -16.24 -3.31
N ALA A 235 -24.34 -15.67 -3.86
CA ALA A 235 -24.05 -15.73 -5.30
C ALA A 235 -23.73 -17.14 -5.79
N LEU A 236 -23.01 -17.92 -4.97
CA LEU A 236 -22.64 -19.29 -5.34
C LEU A 236 -23.83 -20.26 -5.33
N ARG A 237 -24.75 -20.06 -4.37
CA ARG A 237 -26.01 -20.80 -4.34
C ARG A 237 -26.90 -20.44 -5.53
N LEU A 238 -26.87 -19.16 -5.92
CA LEU A 238 -27.57 -18.68 -7.12
C LEU A 238 -26.94 -19.18 -8.42
N GLN A 239 -25.61 -19.33 -8.43
CA GLN A 239 -24.87 -19.89 -9.57
C GLN A 239 -24.86 -21.43 -9.64
N ASP A 240 -25.65 -22.10 -8.79
CA ASP A 240 -25.81 -23.56 -8.81
C ASP A 240 -24.56 -24.35 -8.36
N LYS A 241 -23.81 -23.77 -7.42
CA LYS A 241 -22.68 -24.44 -6.76
C LYS A 241 -23.14 -24.87 -5.37
N LYS A 242 -23.37 -26.18 -5.21
CA LYS A 242 -24.02 -26.71 -4.01
C LYS A 242 -23.06 -26.84 -2.83
N LEU A 243 -23.36 -26.13 -1.75
CA LEU A 243 -22.64 -26.28 -0.49
C LEU A 243 -23.11 -27.55 0.22
N PRO A 244 -22.24 -28.17 1.04
CA PRO A 244 -22.69 -29.21 1.96
C PRO A 244 -23.70 -28.71 2.99
N PRO A 245 -24.48 -29.62 3.60
CA PRO A 245 -25.56 -29.18 4.51
C PRO A 245 -25.04 -28.39 5.73
N LEU A 246 -23.89 -28.80 6.27
CA LEU A 246 -23.25 -28.12 7.40
C LEU A 246 -22.93 -26.66 7.06
N LEU A 247 -22.20 -26.47 5.97
CA LEU A 247 -21.75 -25.13 5.57
C LEU A 247 -22.91 -24.19 5.20
N SER A 248 -23.93 -24.73 4.55
CA SER A 248 -25.14 -23.97 4.22
C SER A 248 -25.99 -23.66 5.45
N GLU A 249 -26.00 -24.58 6.42
CA GLU A 249 -26.68 -24.35 7.71
C GLU A 249 -26.06 -23.19 8.47
N ILE A 250 -24.73 -23.12 8.46
CA ILE A 250 -23.98 -22.03 9.14
C ILE A 250 -24.19 -20.67 8.47
N TRP A 251 -24.17 -20.62 7.14
CA TRP A 251 -24.21 -19.36 6.40
C TRP A 251 -25.56 -19.01 5.74
N ASP A 252 -26.65 -19.62 6.23
CA ASP A 252 -28.00 -19.26 5.77
C ASP A 252 -28.54 -18.09 6.60
N HIS A 262 -30.19 -25.40 13.22
CA HIS A 262 -28.79 -25.78 13.30
C HIS A 262 -28.64 -27.17 13.95
N LYS A 263 -29.33 -28.14 13.36
CA LYS A 263 -29.40 -29.50 13.90
C LYS A 263 -28.07 -30.25 13.80
N ILE A 264 -27.44 -30.16 12.63
CA ILE A 264 -26.09 -30.71 12.45
C ILE A 264 -25.11 -30.09 13.44
N LEU A 265 -25.14 -28.77 13.60
CA LEU A 265 -24.19 -28.05 14.45
C LEU A 265 -24.35 -28.36 15.95
N HIS A 266 -25.58 -28.67 16.37
CA HIS A 266 -25.84 -29.24 17.70
C HIS A 266 -25.08 -30.56 17.91
N ARG A 267 -25.13 -31.44 16.90
CA ARG A 267 -24.53 -32.78 16.96
C ARG A 267 -23.02 -32.81 17.22
N LEU A 268 -22.28 -31.81 16.71
CA LEU A 268 -20.84 -31.69 16.97
C LEU A 268 -20.59 -31.25 18.41
N LEU A 269 -21.30 -30.22 18.83
CA LEU A 269 -21.20 -29.69 20.19
C LEU A 269 -21.63 -30.69 21.27
N GLN A 270 -22.69 -31.45 20.99
CA GLN A 270 -23.21 -32.47 21.92
C GLN A 270 -22.23 -33.64 22.15
N ASP A 271 -21.50 -34.02 21.10
CA ASP A 271 -20.57 -35.16 21.16
C ASP A 271 -19.40 -34.94 22.13
N GLN B 13 -4.58 29.56 -14.71
CA GLN B 13 -5.24 28.60 -15.67
C GLN B 13 -4.30 28.17 -16.80
N LEU B 14 -4.74 27.22 -17.61
CA LEU B 14 -3.90 26.57 -18.62
C LEU B 14 -3.82 27.39 -19.90
N THR B 15 -2.63 27.45 -20.49
CA THR B 15 -2.36 28.21 -21.72
C THR B 15 -2.97 27.49 -22.94
N ALA B 16 -3.37 28.26 -23.95
CA ALA B 16 -4.01 27.73 -25.16
C ALA B 16 -3.08 26.83 -25.99
N ALA B 17 -1.83 27.26 -26.14
CA ALA B 17 -0.78 26.44 -26.78
C ALA B 17 -0.53 25.10 -26.06
N GLN B 18 -0.64 25.10 -24.74
CA GLN B 18 -0.51 23.87 -23.95
C GLN B 18 -1.71 22.96 -24.21
N GLU B 19 -2.92 23.50 -24.04
CA GLU B 19 -4.18 22.77 -24.26
C GLU B 19 -4.30 22.14 -25.66
N LEU B 20 -3.78 22.83 -26.67
CA LEU B 20 -3.75 22.30 -28.04
C LEU B 20 -2.70 21.18 -28.19
N MET B 21 -1.56 21.33 -27.51
CA MET B 21 -0.51 20.31 -27.48
C MET B 21 -0.93 19.05 -26.72
N ILE B 22 -1.67 19.20 -25.63
CA ILE B 22 -2.12 18.05 -24.83
C ILE B 22 -3.14 17.22 -25.61
N GLN B 23 -4.08 17.89 -26.27
CA GLN B 23 -5.08 17.23 -27.12
C GLN B 23 -4.46 16.48 -28.31
N GLN B 24 -3.42 17.05 -28.91
CA GLN B 24 -2.76 16.41 -30.06
C GLN B 24 -2.00 15.15 -29.65
N LEU B 25 -1.44 15.14 -28.45
CA LEU B 25 -0.81 13.93 -27.87
C LEU B 25 -1.85 12.86 -27.51
N VAL B 26 -2.96 13.27 -26.91
CA VAL B 26 -4.06 12.34 -26.58
C VAL B 26 -4.64 11.70 -27.85
N ALA B 27 -4.80 12.50 -28.91
CA ALA B 27 -5.30 12.01 -30.20
C ALA B 27 -4.36 11.01 -30.88
N ALA B 28 -3.05 11.25 -30.74
CA ALA B 28 -2.02 10.39 -31.35
C ALA B 28 -2.04 8.97 -30.77
N GLN B 29 -1.99 8.89 -29.44
CA GLN B 29 -2.11 7.60 -28.73
C GLN B 29 -3.48 6.95 -28.89
N LEU B 30 -4.54 7.76 -29.01
CA LEU B 30 -5.90 7.27 -29.24
C LEU B 30 -6.08 6.66 -30.63
N GLN B 31 -5.37 7.21 -31.62
CA GLN B 31 -5.31 6.63 -32.96
C GLN B 31 -4.53 5.32 -32.98
N CYS B 32 -3.41 5.30 -32.26
CA CYS B 32 -2.60 4.08 -32.07
C CYS B 32 -3.36 3.00 -31.28
N ASN B 33 -4.20 3.43 -30.33
CA ASN B 33 -5.16 2.54 -29.67
C ASN B 33 -6.10 1.89 -30.69
N LYS B 34 -6.67 2.72 -31.57
CA LYS B 34 -7.55 2.24 -32.64
C LYS B 34 -6.76 1.51 -33.72
N THR B 44 -0.43 -13.86 -33.71
CA THR B 44 -0.67 -15.26 -33.34
C THR B 44 -1.84 -15.38 -32.35
N PRO B 45 -2.24 -16.62 -32.00
CA PRO B 45 -3.24 -16.87 -30.96
C PRO B 45 -2.66 -17.37 -29.63
N TRP B 46 -3.48 -17.32 -28.58
CA TRP B 46 -3.17 -17.88 -27.26
C TRP B 46 -3.44 -19.40 -27.33
N PRO B 47 -2.61 -20.23 -26.64
CA PRO B 47 -2.66 -21.68 -26.92
C PRO B 47 -3.90 -22.37 -26.36
N SER B 58 3.19 -23.23 -24.09
CA SER B 58 4.25 -22.52 -23.35
C SER B 58 5.00 -21.55 -24.26
N GLN B 59 5.61 -22.07 -25.32
CA GLN B 59 6.29 -21.24 -26.32
C GLN B 59 5.28 -20.59 -27.26
N GLN B 60 4.17 -21.28 -27.55
CA GLN B 60 3.06 -20.66 -28.29
C GLN B 60 2.47 -19.48 -27.50
N ARG B 61 2.44 -19.61 -26.18
CA ARG B 61 2.10 -18.50 -25.28
C ARG B 61 3.17 -17.39 -25.32
N PHE B 62 4.44 -17.79 -25.31
CA PHE B 62 5.56 -16.85 -25.46
C PHE B 62 5.56 -16.15 -26.82
N ALA B 63 5.44 -16.92 -27.89
CA ALA B 63 5.36 -16.41 -29.27
C ALA B 63 4.24 -15.38 -29.45
N HIS B 64 3.14 -15.60 -28.73
CA HIS B 64 2.04 -14.63 -28.68
C HIS B 64 2.48 -13.32 -28.02
N PHE B 65 3.16 -13.42 -26.87
CA PHE B 65 3.68 -12.25 -26.16
C PHE B 65 4.67 -11.40 -26.95
N THR B 66 5.52 -12.06 -27.75
CA THR B 66 6.47 -11.34 -28.60
C THR B 66 5.70 -10.53 -29.64
N GLU B 67 4.81 -11.21 -30.38
CA GLU B 67 3.97 -10.58 -31.41
C GLU B 67 3.28 -9.29 -30.95
N LEU B 68 2.79 -9.30 -29.71
CA LEU B 68 2.17 -8.12 -29.09
C LEU B 68 3.21 -7.05 -28.71
N ALA B 69 4.40 -7.49 -28.29
CA ALA B 69 5.52 -6.60 -27.99
C ALA B 69 6.04 -5.83 -29.20
N ILE B 70 6.11 -6.49 -30.36
CA ILE B 70 6.49 -5.80 -31.61
C ILE B 70 5.44 -4.74 -31.96
N ILE B 71 4.15 -5.11 -31.83
CA ILE B 71 3.04 -4.18 -32.06
C ILE B 71 3.10 -2.96 -31.14
N SER B 72 3.55 -3.16 -29.90
CA SER B 72 3.77 -2.08 -28.95
C SER B 72 4.88 -1.13 -29.40
N VAL B 73 6.03 -1.70 -29.75
CA VAL B 73 7.20 -0.93 -30.21
C VAL B 73 6.88 -0.13 -31.48
N GLN B 74 6.12 -0.73 -32.39
CA GLN B 74 5.63 -0.04 -33.59
C GLN B 74 4.72 1.15 -33.25
N GLU B 75 3.87 1.00 -32.24
CA GLU B 75 3.04 2.10 -31.73
C GLU B 75 3.88 3.21 -31.09
N ILE B 76 4.94 2.83 -30.38
CA ILE B 76 5.84 3.79 -29.72
C ILE B 76 6.61 4.66 -30.72
N VAL B 77 7.17 4.04 -31.77
CA VAL B 77 7.92 4.78 -32.79
C VAL B 77 7.01 5.75 -33.56
N ASP B 78 5.79 5.32 -33.87
CA ASP B 78 4.81 6.18 -34.54
C ASP B 78 4.38 7.34 -33.66
N PHE B 79 4.07 7.05 -32.39
CA PHE B 79 3.72 8.10 -31.42
C PHE B 79 4.88 9.08 -31.19
N ALA B 80 6.10 8.56 -31.11
CA ALA B 80 7.30 9.39 -30.94
C ALA B 80 7.44 10.42 -32.05
N LYS B 81 7.18 10.00 -33.29
CA LYS B 81 7.14 10.93 -34.43
C LYS B 81 6.10 12.04 -34.26
N GLN B 82 4.95 11.70 -33.70
CA GLN B 82 3.86 12.67 -33.46
C GLN B 82 4.23 13.78 -32.47
N VAL B 83 5.16 13.51 -31.56
CA VAL B 83 5.57 14.47 -30.53
C VAL B 83 6.27 15.67 -31.19
N PRO B 84 5.75 16.91 -30.96
CA PRO B 84 6.39 18.11 -31.50
C PRO B 84 7.86 18.29 -31.10
N GLY B 85 8.73 18.40 -32.08
CA GLY B 85 10.17 18.59 -31.87
C GLY B 85 11.02 17.31 -31.86
N PHE B 86 10.39 16.14 -31.88
CA PHE B 86 11.12 14.87 -31.94
C PHE B 86 11.69 14.64 -33.33
N LEU B 87 10.86 14.78 -34.34
CA LEU B 87 11.28 14.68 -35.75
C LEU B 87 12.31 15.75 -36.13
N GLN B 88 12.23 16.92 -35.51
CA GLN B 88 13.21 18.00 -35.67
C GLN B 88 14.45 17.81 -34.76
N LEU B 89 15.16 16.70 -34.99
CA LEU B 89 16.38 16.35 -34.25
C LEU B 89 17.28 15.51 -35.17
N GLY B 90 18.49 15.23 -34.70
CA GLY B 90 19.39 14.32 -35.41
C GLY B 90 18.87 12.89 -35.38
N ARG B 91 18.97 12.18 -36.51
CA ARG B 91 18.52 10.78 -36.61
C ARG B 91 19.26 9.86 -35.64
N GLU B 92 20.52 10.18 -35.33
CA GLU B 92 21.29 9.49 -34.31
C GLU B 92 20.70 9.69 -32.91
N ASP B 93 20.31 10.94 -32.61
CA ASP B 93 19.61 11.26 -31.35
C ASP B 93 18.23 10.61 -31.26
N GLN B 94 17.47 10.64 -32.36
CA GLN B 94 16.12 10.05 -32.40
C GLN B 94 16.11 8.54 -32.14
N ILE B 95 17.12 7.83 -32.64
CA ILE B 95 17.31 6.40 -32.33
C ILE B 95 17.73 6.23 -30.87
N ALA B 96 18.70 7.04 -30.42
CA ALA B 96 19.22 6.98 -29.05
C ALA B 96 18.11 7.13 -28.01
N LEU B 97 17.24 8.12 -28.23
CA LEU B 97 16.09 8.36 -27.35
C LEU B 97 15.08 7.22 -27.38
N LEU B 98 14.82 6.67 -28.57
CA LEU B 98 13.87 5.56 -28.72
C LEU B 98 14.37 4.23 -28.16
N LYS B 99 15.67 3.95 -28.34
CA LYS B 99 16.28 2.73 -27.80
C LYS B 99 16.10 2.59 -26.29
N ALA B 100 16.22 3.70 -25.57
CA ALA B 100 16.08 3.73 -24.11
C ALA B 100 14.63 3.79 -23.62
N SER B 101 13.80 4.57 -24.30
CA SER B 101 12.42 4.82 -23.85
C SER B 101 11.45 3.67 -24.06
N THR B 102 11.64 2.91 -25.14
CA THR B 102 10.70 1.84 -25.54
C THR B 102 10.36 0.82 -24.45
N ILE B 103 11.32 0.50 -23.59
CA ILE B 103 11.08 -0.42 -22.48
C ILE B 103 10.19 0.27 -21.45
N GLU B 104 10.51 1.53 -21.17
CA GLU B 104 9.83 2.31 -20.14
C GLU B 104 8.44 2.76 -20.53
N ILE B 105 8.25 3.07 -21.82
CA ILE B 105 6.93 3.46 -22.35
C ILE B 105 5.99 2.24 -22.38
N MET B 106 6.50 1.10 -22.84
CA MET B 106 5.75 -0.18 -22.82
C MET B 106 5.23 -0.53 -21.43
N LEU B 107 6.10 -0.41 -20.43
CA LEU B 107 5.71 -0.65 -19.04
C LEU B 107 4.72 0.40 -18.53
N LEU B 108 4.84 1.65 -19.01
CA LEU B 108 3.82 2.67 -18.77
C LEU B 108 2.46 2.28 -19.36
N GLU B 109 2.47 1.86 -20.62
CA GLU B 109 1.24 1.44 -21.30
C GLU B 109 0.70 0.10 -20.77
N THR B 110 1.59 -0.75 -20.23
CA THR B 110 1.21 -1.98 -19.55
C THR B 110 0.45 -1.65 -18.26
N ALA B 111 1.02 -0.74 -17.46
CA ALA B 111 0.39 -0.26 -16.22
C ALA B 111 -0.99 0.37 -16.44
N ARG B 112 -1.14 1.06 -17.57
CA ARG B 112 -2.43 1.61 -17.99
C ARG B 112 -3.49 0.54 -18.21
N ARG B 113 -3.06 -0.61 -18.71
CA ARG B 113 -3.94 -1.75 -19.01
C ARG B 113 -4.18 -2.72 -17.82
N TYR B 114 -3.49 -2.50 -16.71
CA TYR B 114 -3.68 -3.29 -15.50
C TYR B 114 -4.98 -2.90 -14.79
N ASN B 115 -5.68 -3.89 -14.26
CA ASN B 115 -6.92 -3.70 -13.52
C ASN B 115 -6.71 -4.15 -12.08
N HIS B 116 -6.96 -3.25 -11.12
CA HIS B 116 -6.69 -3.50 -9.69
C HIS B 116 -7.61 -4.56 -9.07
N GLU B 117 -8.86 -4.59 -9.50
CA GLU B 117 -9.85 -5.55 -8.98
C GLU B 117 -9.58 -6.98 -9.44
N THR B 118 -9.32 -7.16 -10.74
CA THR B 118 -9.04 -8.48 -11.32
C THR B 118 -7.56 -8.91 -11.20
N GLU B 119 -6.66 -7.92 -11.12
CA GLU B 119 -5.19 -8.14 -11.15
C GLU B 119 -4.69 -8.80 -12.45
N CYS B 120 -5.34 -8.46 -13.57
CA CYS B 120 -4.97 -8.95 -14.90
C CYS B 120 -4.66 -7.77 -15.80
N ILE B 121 -3.93 -8.03 -16.89
CA ILE B 121 -3.53 -7.00 -17.87
C ILE B 121 -4.17 -7.31 -19.22
N THR B 122 -4.90 -6.33 -19.76
CA THR B 122 -5.65 -6.47 -21.02
C THR B 122 -4.90 -5.83 -22.19
N PHE B 123 -4.38 -6.65 -23.09
CA PHE B 123 -3.67 -6.15 -24.28
C PHE B 123 -4.60 -6.04 -25.48
N LEU B 124 -4.39 -4.99 -26.28
CA LEU B 124 -5.19 -4.69 -27.49
C LEU B 124 -6.70 -4.62 -27.18
N LYS B 125 -7.51 -5.49 -27.78
CA LYS B 125 -8.97 -5.42 -27.62
C LYS B 125 -9.39 -6.10 -26.33
N ASP B 126 -9.08 -7.40 -26.23
CA ASP B 126 -9.53 -8.21 -25.09
C ASP B 126 -8.68 -9.47 -24.86
N PHE B 127 -7.37 -9.27 -24.74
CA PHE B 127 -6.44 -10.33 -24.33
C PHE B 127 -6.02 -10.13 -22.88
N THR B 128 -6.79 -10.70 -21.95
CA THR B 128 -6.59 -10.51 -20.50
C THR B 128 -5.70 -11.61 -19.91
N TYR B 129 -4.61 -11.21 -19.25
CA TYR B 129 -3.63 -12.16 -18.68
C TYR B 129 -3.28 -11.84 -17.24
N SER B 130 -3.16 -12.87 -16.41
CA SER B 130 -2.74 -12.76 -15.01
C SER B 130 -1.26 -13.10 -14.88
N LYS B 131 -0.73 -12.99 -13.65
CA LYS B 131 0.68 -13.31 -13.36
C LYS B 131 1.07 -14.75 -13.71
N ASP B 132 0.14 -15.68 -13.58
CA ASP B 132 0.36 -17.08 -13.95
C ASP B 132 0.54 -17.25 -15.46
N ASP B 133 -0.26 -16.53 -16.24
CA ASP B 133 -0.19 -16.60 -17.71
C ASP B 133 1.15 -16.12 -18.26
N PHE B 134 1.72 -15.09 -17.62
CA PHE B 134 3.10 -14.67 -17.92
C PHE B 134 4.11 -15.70 -17.43
N HIS B 135 3.85 -16.30 -16.27
CA HIS B 135 4.67 -17.38 -15.72
C HIS B 135 4.79 -18.59 -16.64
N ARG B 136 3.67 -18.97 -17.27
CA ARG B 136 3.64 -20.12 -18.21
C ARG B 136 4.32 -19.85 -19.56
N ALA B 137 4.49 -18.58 -19.92
CA ALA B 137 5.31 -18.20 -21.08
C ALA B 137 6.81 -18.45 -20.86
N GLY B 138 7.20 -18.73 -19.62
CA GLY B 138 8.58 -19.09 -19.27
C GLY B 138 9.43 -17.90 -18.89
N LEU B 139 8.80 -16.75 -18.69
CA LEU B 139 9.47 -15.55 -18.21
C LEU B 139 9.54 -15.65 -16.68
N GLN B 140 10.71 -15.34 -16.11
CA GLN B 140 10.95 -15.53 -14.68
C GLN B 140 10.09 -14.59 -13.83
N VAL B 141 9.65 -15.09 -12.67
CA VAL B 141 8.74 -14.35 -11.78
C VAL B 141 9.41 -13.17 -11.07
N GLU B 142 10.72 -13.29 -10.81
CA GLU B 142 11.51 -12.21 -10.22
C GLU B 142 11.50 -10.95 -11.09
N PHE B 143 11.31 -11.11 -12.40
CA PHE B 143 11.25 -10.01 -13.35
C PHE B 143 9.80 -9.62 -13.71
N ILE B 144 8.86 -10.55 -13.54
CA ILE B 144 7.41 -10.25 -13.64
C ILE B 144 6.88 -9.46 -12.44
N ASN B 145 7.30 -9.84 -11.23
CA ASN B 145 6.79 -9.22 -9.98
C ASN B 145 6.99 -7.68 -9.90
N PRO B 146 8.16 -7.16 -10.32
CA PRO B 146 8.33 -5.71 -10.39
C PRO B 146 7.38 -4.99 -11.35
N ILE B 147 6.97 -5.66 -12.44
CA ILE B 147 6.04 -5.09 -13.41
C ILE B 147 4.63 -4.94 -12.78
N PHE B 148 4.18 -5.95 -12.07
CA PHE B 148 2.88 -5.89 -11.37
C PHE B 148 2.91 -4.92 -10.18
N GLU B 149 4.02 -4.93 -9.44
CA GLU B 149 4.28 -3.95 -8.38
C GLU B 149 4.26 -2.51 -8.91
N PHE B 150 4.88 -2.31 -10.08
CA PHE B 150 4.87 -1.01 -10.76
C PHE B 150 3.49 -0.63 -11.27
N SER B 151 2.81 -1.58 -11.91
CA SER B 151 1.46 -1.35 -12.43
C SER B 151 0.48 -0.99 -11.31
N ARG B 152 0.60 -1.67 -10.17
CA ARG B 152 -0.16 -1.32 -8.96
C ARG B 152 0.16 0.10 -8.50
N ALA B 153 1.44 0.40 -8.34
CA ALA B 153 1.91 1.75 -7.98
C ALA B 153 1.42 2.84 -8.93
N MET B 154 1.30 2.51 -10.21
CA MET B 154 0.75 3.41 -11.22
C MET B 154 -0.75 3.61 -11.05
N ARG B 155 -1.47 2.54 -10.69
CA ARG B 155 -2.91 2.62 -10.38
C ARG B 155 -3.20 3.57 -9.20
N ARG B 156 -2.36 3.53 -8.19
CA ARG B 156 -2.54 4.34 -6.97
C ARG B 156 -2.52 5.84 -7.25
N LEU B 157 -1.72 6.27 -8.24
CA LEU B 157 -1.74 7.64 -8.74
C LEU B 157 -3.10 7.99 -9.33
N GLY B 158 -3.60 7.12 -10.19
CA GLY B 158 -4.88 7.35 -10.87
C GLY B 158 -4.71 8.39 -11.96
N LEU B 159 -3.76 8.12 -12.87
CA LEU B 159 -3.47 9.03 -13.98
C LEU B 159 -4.56 8.94 -15.06
N ASP B 160 -4.69 10.01 -15.83
CA ASP B 160 -5.60 10.06 -16.98
C ASP B 160 -4.83 10.08 -18.30
N ASP B 161 -5.56 10.06 -19.41
CA ASP B 161 -4.97 10.01 -20.76
C ASP B 161 -4.01 11.16 -21.09
N ALA B 162 -4.34 12.36 -20.62
CA ALA B 162 -3.48 13.54 -20.80
C ALA B 162 -2.18 13.40 -20.02
N GLU B 163 -2.31 13.02 -18.76
CA GLU B 163 -1.16 12.84 -17.85
C GLU B 163 -0.23 11.72 -18.29
N TYR B 164 -0.81 10.60 -18.73
CA TYR B 164 -0.01 9.52 -19.33
C TYR B 164 0.78 10.04 -20.52
N ALA B 165 0.05 10.57 -21.51
CA ALA B 165 0.64 11.13 -22.74
C ALA B 165 1.77 12.13 -22.45
N LEU B 166 1.50 13.10 -21.59
CA LEU B 166 2.51 14.07 -21.17
C LEU B 166 3.73 13.42 -20.50
N LEU B 167 3.48 12.38 -19.72
CA LEU B 167 4.55 11.61 -19.08
C LEU B 167 5.35 10.77 -20.08
N ILE B 168 4.70 10.25 -21.13
CA ILE B 168 5.43 9.55 -22.21
C ILE B 168 6.38 10.51 -22.94
N ALA B 169 5.87 11.69 -23.30
CA ALA B 169 6.66 12.70 -24.02
C ALA B 169 7.85 13.22 -23.20
N ILE B 170 7.63 13.40 -21.89
CA ILE B 170 8.71 13.72 -20.94
C ILE B 170 9.74 12.60 -20.89
N ASN B 171 9.26 11.36 -20.80
CA ASN B 171 10.15 10.18 -20.75
C ASN B 171 11.01 10.00 -22.01
N ILE B 172 10.51 10.41 -23.17
CA ILE B 172 11.27 10.35 -24.42
C ILE B 172 12.49 11.28 -24.38
N PHE B 173 12.25 12.54 -24.04
CA PHE B 173 13.31 13.55 -24.02
C PHE B 173 14.08 13.53 -22.71
N SER B 174 14.89 12.50 -22.53
CA SER B 174 15.78 12.38 -21.37
C SER B 174 17.23 12.58 -21.82
N ALA B 175 17.85 13.67 -21.38
CA ALA B 175 19.24 14.00 -21.75
C ALA B 175 20.25 13.02 -21.16
N ASP B 176 19.93 12.45 -19.99
CA ASP B 176 20.80 11.50 -19.29
C ASP B 176 21.00 10.16 -19.99
N ARG B 177 20.40 9.98 -21.15
CA ARG B 177 20.48 8.71 -21.88
C ARG B 177 21.82 8.48 -22.56
N PRO B 178 22.27 7.24 -22.66
CA PRO B 178 23.53 6.95 -23.34
C PRO B 178 23.54 7.27 -24.84
N ASN B 179 24.66 7.81 -25.31
CA ASN B 179 24.90 8.13 -26.73
C ASN B 179 23.92 9.19 -27.29
N VAL B 180 23.64 10.21 -26.47
CA VAL B 180 22.85 11.36 -26.89
C VAL B 180 23.85 12.47 -27.30
N GLN B 181 23.82 12.84 -28.58
CA GLN B 181 24.77 13.82 -29.13
C GLN B 181 24.50 15.27 -28.68
N GLU B 182 23.23 15.64 -28.63
CA GLU B 182 22.81 17.01 -28.23
C GLU B 182 21.98 16.99 -26.95
N PRO B 183 22.62 16.82 -25.77
CA PRO B 183 21.89 16.67 -24.51
C PRO B 183 21.23 17.96 -24.00
N GLY B 184 21.86 19.11 -24.22
CA GLY B 184 21.26 20.41 -23.90
C GLY B 184 20.03 20.71 -24.74
N ARG B 185 20.04 20.23 -25.99
CA ARG B 185 18.92 20.40 -26.93
C ARG B 185 17.68 19.65 -26.47
N VAL B 186 17.84 18.40 -26.05
CA VAL B 186 16.71 17.55 -25.63
C VAL B 186 16.10 17.95 -24.28
N GLU B 187 16.93 18.41 -23.34
CA GLU B 187 16.45 18.94 -22.05
C GLU B 187 15.59 20.19 -22.24
N ALA B 188 16.01 21.05 -23.17
CA ALA B 188 15.20 22.19 -23.59
C ALA B 188 13.88 21.75 -24.24
N LEU B 189 13.92 20.65 -25.00
CA LEU B 189 12.69 20.05 -25.58
C LEU B 189 11.76 19.39 -24.54
N GLN B 190 12.33 18.79 -23.50
CA GLN B 190 11.56 18.21 -22.39
C GLN B 190 10.85 19.26 -21.55
N GLN B 191 11.57 20.35 -21.23
CA GLN B 191 11.10 21.41 -20.33
C GLN B 191 9.66 21.93 -20.53
N PRO B 192 9.25 22.21 -21.79
CA PRO B 192 7.86 22.65 -22.01
C PRO B 192 6.79 21.59 -21.70
N TYR B 193 7.07 20.32 -22.01
CA TYR B 193 6.17 19.22 -21.64
C TYR B 193 6.04 19.06 -20.12
N VAL B 194 7.16 19.19 -19.41
CA VAL B 194 7.18 19.18 -17.94
C VAL B 194 6.32 20.32 -17.35
N GLU B 195 6.36 21.48 -17.98
CA GLU B 195 5.59 22.64 -17.51
C GLU B 195 4.08 22.45 -17.70
N ALA B 196 3.70 21.90 -18.84
CA ALA B 196 2.29 21.60 -19.11
C ALA B 196 1.72 20.58 -18.14
N LEU B 197 2.51 19.55 -17.82
CA LEU B 197 2.12 18.55 -16.83
C LEU B 197 2.05 19.14 -15.42
N LEU B 198 3.01 20.00 -15.07
CA LEU B 198 3.01 20.72 -13.77
C LEU B 198 1.83 21.68 -13.68
N SER B 199 1.49 22.31 -14.80
CA SER B 199 0.32 23.19 -14.86
C SER B 199 -0.99 22.38 -14.82
N TYR B 200 -1.03 21.29 -15.58
CA TYR B 200 -2.22 20.41 -15.65
C TYR B 200 -2.56 19.79 -14.29
N THR B 201 -1.55 19.21 -13.64
CA THR B 201 -1.71 18.62 -12.30
C THR B 201 -2.24 19.60 -11.22
N ARG B 202 -1.81 20.86 -11.29
CA ARG B 202 -2.30 21.90 -10.36
C ARG B 202 -3.79 22.18 -10.54
N ILE B 203 -4.27 22.09 -11.79
CA ILE B 203 -5.70 22.26 -12.10
C ILE B 203 -6.49 21.04 -11.62
N LYS B 204 -6.03 19.84 -11.98
CA LYS B 204 -6.75 18.60 -11.67
C LYS B 204 -6.88 18.31 -10.17
N ARG B 205 -5.78 18.49 -9.43
CA ARG B 205 -5.76 18.26 -7.99
C ARG B 205 -4.99 19.39 -7.28
N PRO B 206 -5.66 20.56 -7.09
CA PRO B 206 -5.04 21.69 -6.37
C PRO B 206 -4.75 21.41 -4.89
N GLN B 207 -5.53 20.51 -4.29
CA GLN B 207 -5.30 20.07 -2.91
C GLN B 207 -3.99 19.28 -2.74
N ASP B 208 -3.63 18.46 -3.74
CA ASP B 208 -2.46 17.58 -3.67
C ASP B 208 -1.28 18.12 -4.50
N GLN B 209 -0.41 18.89 -3.85
CA GLN B 209 0.80 19.41 -4.49
C GLN B 209 1.84 18.30 -4.73
N LEU B 210 1.83 17.27 -3.89
CA LEU B 210 2.80 16.15 -3.97
C LEU B 210 2.44 15.03 -4.97
N ARG B 211 1.34 15.19 -5.70
CA ARG B 211 0.96 14.25 -6.75
C ARG B 211 1.92 14.31 -7.94
N PHE B 212 2.24 15.53 -8.39
CA PHE B 212 3.14 15.75 -9.53
C PHE B 212 4.57 15.23 -9.34
N PRO B 213 5.20 15.49 -8.18
CA PRO B 213 6.48 14.86 -7.86
C PRO B 213 6.43 13.33 -7.92
N ARG B 214 5.35 12.75 -7.40
CA ARG B 214 5.14 11.30 -7.43
C ARG B 214 5.00 10.71 -8.84
N MET B 215 4.47 11.50 -9.79
CA MET B 215 4.44 11.10 -11.20
C MET B 215 5.84 11.01 -11.77
N LEU B 216 6.65 12.04 -11.50
CA LEU B 216 8.07 12.04 -11.88
C LEU B 216 8.85 10.95 -11.13
N MET B 217 8.43 10.64 -9.91
CA MET B 217 9.03 9.56 -9.12
C MET B 217 8.75 8.15 -9.71
N LYS B 218 7.76 8.02 -10.59
CA LYS B 218 7.57 6.79 -11.37
C LYS B 218 8.58 6.65 -12.52
N LEU B 219 9.06 7.77 -13.06
CA LEU B 219 10.18 7.75 -14.03
C LEU B 219 11.47 7.25 -13.38
N VAL B 220 11.59 7.45 -12.07
CA VAL B 220 12.69 6.89 -11.28
C VAL B 220 12.53 5.36 -11.25
N SER B 221 11.34 4.88 -10.90
CA SER B 221 11.03 3.45 -10.90
C SER B 221 11.25 2.77 -12.25
N LEU B 222 10.95 3.49 -13.33
CA LEU B 222 11.09 2.96 -14.69
C LEU B 222 12.53 2.65 -15.12
N ARG B 223 13.50 3.39 -14.59
CA ARG B 223 14.91 3.18 -14.94
C ARG B 223 15.50 1.86 -14.43
N THR B 224 15.09 1.44 -13.24
CA THR B 224 15.50 0.13 -12.71
C THR B 224 14.73 -1.00 -13.38
N LEU B 225 13.44 -0.78 -13.65
CA LEU B 225 12.66 -1.70 -14.48
C LEU B 225 13.28 -1.91 -15.86
N SER B 226 13.79 -0.82 -16.44
CA SER B 226 14.53 -0.88 -17.72
C SER B 226 15.76 -1.77 -17.62
N SER B 227 16.50 -1.64 -16.53
CA SER B 227 17.70 -2.47 -16.29
C SER B 227 17.36 -3.93 -16.01
N VAL B 228 16.30 -4.15 -15.23
CA VAL B 228 15.80 -5.51 -14.96
C VAL B 228 15.28 -6.19 -16.25
N HIS B 229 14.73 -5.40 -17.18
CA HIS B 229 14.28 -5.93 -18.47
C HIS B 229 15.45 -6.39 -19.36
N SER B 230 16.54 -5.62 -19.38
CA SER B 230 17.77 -6.03 -20.09
C SER B 230 18.32 -7.33 -19.50
N GLU B 231 18.18 -7.49 -18.19
CA GLU B 231 18.54 -8.74 -17.51
C GLU B 231 17.67 -9.93 -17.95
N GLN B 232 16.39 -9.68 -18.26
CA GLN B 232 15.49 -10.71 -18.79
C GLN B 232 15.95 -11.27 -20.14
N VAL B 233 16.07 -10.40 -21.14
CA VAL B 233 16.44 -10.80 -22.50
C VAL B 233 17.84 -11.41 -22.61
N PHE B 234 18.68 -11.15 -21.61
CA PHE B 234 19.90 -11.94 -21.41
C PHE B 234 19.55 -13.39 -21.06
N ALA B 235 18.71 -13.56 -20.03
CA ALA B 235 18.25 -14.89 -19.59
C ALA B 235 17.44 -15.66 -20.64
N LEU B 236 16.73 -14.95 -21.53
CA LEU B 236 15.95 -15.59 -22.59
C LEU B 236 16.81 -16.15 -23.74
N ARG B 237 17.98 -15.55 -23.96
CA ARG B 237 18.97 -16.10 -24.91
C ARG B 237 19.51 -17.45 -24.43
N LEU B 238 19.69 -17.60 -23.11
CA LEU B 238 20.10 -18.88 -22.50
C LEU B 238 19.02 -19.96 -22.62
N GLN B 239 17.75 -19.57 -22.46
CA GLN B 239 16.62 -20.49 -22.61
C GLN B 239 16.27 -20.86 -24.07
N ASP B 240 17.00 -20.32 -25.05
CA ASP B 240 16.80 -20.56 -26.49
C ASP B 240 15.69 -19.71 -27.11
N LYS B 241 15.16 -18.73 -26.35
CA LYS B 241 14.10 -17.85 -26.79
C LYS B 241 14.69 -16.53 -27.27
N LYS B 242 15.02 -16.46 -28.55
CA LYS B 242 15.61 -15.26 -29.15
C LYS B 242 14.52 -14.26 -29.54
N LEU B 243 14.79 -12.98 -29.30
CA LEU B 243 13.89 -11.90 -29.69
C LEU B 243 13.95 -11.71 -31.21
N PRO B 244 12.84 -11.33 -31.85
CA PRO B 244 12.85 -10.94 -33.28
C PRO B 244 13.79 -9.77 -33.62
N PRO B 245 14.11 -9.57 -34.91
CA PRO B 245 15.04 -8.52 -35.36
C PRO B 245 14.77 -7.11 -34.82
N LEU B 246 13.50 -6.71 -34.78
CA LEU B 246 13.11 -5.38 -34.28
C LEU B 246 13.38 -5.23 -32.78
N LEU B 247 13.01 -6.25 -32.01
CA LEU B 247 13.28 -6.28 -30.58
C LEU B 247 14.76 -6.54 -30.26
N SER B 248 15.43 -7.28 -31.14
CA SER B 248 16.88 -7.50 -31.04
C SER B 248 17.66 -6.22 -31.35
N GLU B 249 17.21 -5.47 -32.36
CA GLU B 249 17.82 -4.18 -32.73
C GLU B 249 17.64 -3.12 -31.64
N ILE B 250 16.47 -3.12 -31.00
CA ILE B 250 16.18 -2.22 -29.88
C ILE B 250 16.97 -2.59 -28.63
N TRP B 251 17.05 -3.88 -28.31
CA TRP B 251 17.72 -4.38 -27.10
C TRP B 251 18.88 -5.29 -27.43
N HIS B 262 20.10 -0.84 -35.48
CA HIS B 262 20.37 0.32 -36.32
C HIS B 262 19.79 0.20 -37.74
N LYS B 263 19.71 -1.02 -38.26
CA LYS B 263 19.23 -1.28 -39.62
C LYS B 263 17.74 -1.00 -39.82
N ILE B 264 16.90 -1.50 -38.91
CA ILE B 264 15.43 -1.44 -39.06
C ILE B 264 14.85 -0.12 -38.57
N LEU B 265 15.27 0.33 -37.38
CA LEU B 265 14.74 1.56 -36.75
C LEU B 265 14.82 2.82 -37.63
N HIS B 266 15.84 2.91 -38.48
CA HIS B 266 15.93 3.97 -39.49
C HIS B 266 14.78 3.92 -40.49
N ARG B 267 14.48 2.71 -40.98
CA ARG B 267 13.40 2.49 -41.95
C ARG B 267 12.02 2.88 -41.40
N LEU B 268 11.74 2.50 -40.15
CA LEU B 268 10.49 2.90 -39.48
C LEU B 268 10.44 4.40 -39.20
N LEU B 269 11.54 4.96 -38.72
CA LEU B 269 11.65 6.41 -38.50
C LEU B 269 11.83 7.15 -39.81
N GLN C 13 3.56 10.10 28.72
CA GLN C 13 3.35 11.58 28.54
C GLN C 13 3.07 11.97 27.08
N LEU C 14 2.26 13.01 26.90
CA LEU C 14 1.96 13.57 25.58
C LEU C 14 2.87 14.75 25.29
N THR C 15 3.25 14.91 24.02
CA THR C 15 4.01 16.06 23.57
C THR C 15 3.05 17.22 23.30
N ALA C 16 3.59 18.44 23.33
CA ALA C 16 2.79 19.64 23.05
C ALA C 16 2.20 19.66 21.63
N ALA C 17 2.91 19.03 20.70
CA ALA C 17 2.40 18.86 19.33
C ALA C 17 1.21 17.92 19.28
N GLN C 18 1.30 16.80 20.02
CA GLN C 18 0.19 15.84 20.15
C GLN C 18 -1.03 16.46 20.84
N GLU C 19 -0.78 17.19 21.95
CA GLU C 19 -1.83 17.89 22.69
C GLU C 19 -2.53 18.95 21.83
N LEU C 20 -1.74 19.68 21.04
CA LEU C 20 -2.26 20.71 20.13
C LEU C 20 -3.12 20.10 19.01
N MET C 21 -2.68 18.97 18.47
CA MET C 21 -3.44 18.20 17.45
C MET C 21 -4.78 17.67 17.99
N ILE C 22 -4.81 17.23 19.25
CA ILE C 22 -6.06 16.78 19.88
C ILE C 22 -7.04 17.96 20.02
N GLN C 23 -6.54 19.08 20.54
CA GLN C 23 -7.37 20.28 20.70
C GLN C 23 -7.74 20.94 19.37
N GLN C 24 -6.93 20.72 18.33
CA GLN C 24 -7.32 21.06 16.95
C GLN C 24 -8.57 20.27 16.53
N LEU C 25 -8.58 18.96 16.80
CA LEU C 25 -9.71 18.09 16.45
C LEU C 25 -10.99 18.38 17.24
N VAL C 26 -10.85 18.61 18.54
CA VAL C 26 -12.01 18.92 19.39
C VAL C 26 -12.60 20.28 18.98
N ALA C 27 -11.73 21.25 18.70
CA ALA C 27 -12.15 22.57 18.18
C ALA C 27 -12.83 22.48 16.82
N ALA C 28 -12.34 21.58 15.96
CA ALA C 28 -12.92 21.34 14.64
C ALA C 28 -14.34 20.76 14.73
N GLN C 29 -14.56 19.83 15.66
CA GLN C 29 -15.89 19.25 15.91
C GLN C 29 -16.89 20.28 16.41
N LEU C 30 -16.48 21.09 17.39
CA LEU C 30 -17.33 22.13 17.98
C LEU C 30 -17.74 23.21 16.97
N GLN C 31 -16.87 23.49 15.98
CA GLN C 31 -17.16 24.44 14.91
C GLN C 31 -18.31 23.96 14.01
N CYS C 32 -18.27 22.68 13.64
CA CYS C 32 -19.33 22.06 12.83
C CYS C 32 -20.64 21.93 13.62
N ASN C 33 -20.53 21.65 14.93
CA ASN C 33 -21.68 21.69 15.84
C ASN C 33 -22.15 23.13 16.06
N SER C 58 -46.01 11.23 11.18
CA SER C 58 -45.17 10.14 10.68
C SER C 58 -44.36 10.59 9.46
N GLN C 59 -45.05 10.97 8.39
CA GLN C 59 -44.42 11.50 7.17
C GLN C 59 -43.71 12.85 7.41
N GLN C 60 -44.27 13.66 8.32
CA GLN C 60 -43.68 14.95 8.70
C GLN C 60 -42.37 14.77 9.46
N ARG C 61 -42.38 13.86 10.44
CA ARG C 61 -41.17 13.51 11.20
C ARG C 61 -40.11 12.74 10.40
N PHE C 62 -40.51 12.06 9.32
CA PHE C 62 -39.56 11.34 8.46
C PHE C 62 -38.73 12.31 7.62
N ALA C 63 -39.42 13.19 6.89
CA ALA C 63 -38.78 14.28 6.13
C ALA C 63 -37.80 15.05 7.01
N HIS C 64 -38.17 15.21 8.28
CA HIS C 64 -37.31 15.81 9.30
C HIS C 64 -36.01 15.02 9.50
N PHE C 65 -36.11 13.72 9.75
CA PHE C 65 -34.91 12.89 10.01
C PHE C 65 -33.94 12.82 8.84
N THR C 66 -34.46 12.69 7.61
CA THR C 66 -33.61 12.73 6.41
C THR C 66 -32.96 14.11 6.20
N GLU C 67 -33.72 15.18 6.47
CA GLU C 67 -33.20 16.56 6.49
C GLU C 67 -32.09 16.71 7.54
N LEU C 68 -32.28 16.07 8.70
CA LEU C 68 -31.26 16.01 9.74
C LEU C 68 -30.05 15.14 9.34
N ALA C 69 -30.30 14.00 8.69
CA ALA C 69 -29.23 13.09 8.25
C ALA C 69 -28.25 13.74 7.26
N ILE C 70 -28.77 14.55 6.33
CA ILE C 70 -27.93 15.30 5.37
C ILE C 70 -26.99 16.26 6.10
N ILE C 71 -27.53 17.00 7.08
CA ILE C 71 -26.74 17.94 7.88
C ILE C 71 -25.56 17.24 8.57
N SER C 72 -25.79 16.02 9.07
CA SER C 72 -24.74 15.22 9.69
C SER C 72 -23.66 14.83 8.69
N VAL C 73 -24.08 14.40 7.49
CA VAL C 73 -23.13 14.05 6.42
C VAL C 73 -22.31 15.28 6.02
N GLN C 74 -22.97 16.42 5.86
CA GLN C 74 -22.30 17.69 5.59
C GLN C 74 -21.33 18.12 6.71
N GLU C 75 -21.70 17.84 7.96
CA GLU C 75 -20.81 18.04 9.11
C GLU C 75 -19.62 17.08 9.10
N ILE C 76 -19.86 15.83 8.68
CA ILE C 76 -18.79 14.83 8.57
C ILE C 76 -17.77 15.20 7.49
N VAL C 77 -18.24 15.56 6.30
CA VAL C 77 -17.32 15.90 5.18
C VAL C 77 -16.56 17.20 5.45
N ASP C 78 -17.24 18.17 6.09
CA ASP C 78 -16.60 19.42 6.50
C ASP C 78 -15.55 19.16 7.58
N PHE C 79 -15.90 18.34 8.57
CA PHE C 79 -14.96 17.90 9.61
C PHE C 79 -13.80 17.09 9.03
N ALA C 80 -14.10 16.21 8.07
CA ALA C 80 -13.06 15.43 7.38
C ALA C 80 -12.02 16.34 6.71
N LYS C 81 -12.49 17.43 6.11
CA LYS C 81 -11.61 18.47 5.55
C LYS C 81 -10.82 19.27 6.60
N GLN C 82 -11.30 19.31 7.84
CA GLN C 82 -10.54 19.90 8.95
C GLN C 82 -9.43 18.98 9.46
N VAL C 83 -9.62 17.66 9.35
CA VAL C 83 -8.62 16.68 9.79
C VAL C 83 -7.34 16.83 8.96
N PRO C 84 -6.17 16.95 9.64
CA PRO C 84 -4.92 17.13 8.88
C PRO C 84 -4.52 15.85 8.16
N GLY C 85 -4.23 15.97 6.86
CA GLY C 85 -3.82 14.85 6.01
C GLY C 85 -4.91 14.28 5.11
N PHE C 86 -6.17 14.66 5.33
CA PHE C 86 -7.28 14.13 4.54
C PHE C 86 -7.31 14.67 3.10
N LEU C 87 -6.84 15.90 2.89
CA LEU C 87 -6.93 16.58 1.59
C LEU C 87 -5.71 16.34 0.69
N GLN C 88 -4.61 15.87 1.29
CA GLN C 88 -3.43 15.43 0.52
C GLN C 88 -3.62 14.09 -0.20
N LEU C 89 -4.75 13.42 0.03
CA LEU C 89 -5.10 12.18 -0.69
C LEU C 89 -5.93 12.51 -1.91
N GLY C 90 -5.98 11.58 -2.86
CA GLY C 90 -6.79 11.73 -4.07
C GLY C 90 -8.27 11.66 -3.77
N ARG C 91 -9.08 12.39 -4.54
CA ARG C 91 -10.54 12.42 -4.35
C ARG C 91 -11.18 11.03 -4.37
N GLU C 92 -10.67 10.17 -5.26
CA GLU C 92 -11.09 8.76 -5.30
C GLU C 92 -10.85 8.08 -3.95
N ASP C 93 -9.70 8.35 -3.34
CA ASP C 93 -9.39 7.87 -1.99
C ASP C 93 -10.26 8.55 -0.91
N GLN C 94 -10.40 9.87 -1.01
CA GLN C 94 -11.20 10.67 -0.05
C GLN C 94 -12.66 10.20 0.03
N ILE C 95 -13.25 9.97 -1.13
CA ILE C 95 -14.64 9.52 -1.26
C ILE C 95 -14.82 8.09 -0.73
N ALA C 96 -13.88 7.21 -1.07
CA ALA C 96 -13.88 5.82 -0.60
C ALA C 96 -13.90 5.73 0.93
N LEU C 97 -13.08 6.54 1.58
CA LEU C 97 -13.00 6.57 3.04
C LEU C 97 -14.24 7.20 3.67
N LEU C 98 -14.75 8.29 3.09
CA LEU C 98 -15.96 8.92 3.60
C LEU C 98 -17.16 7.99 3.43
N LYS C 99 -17.40 7.54 2.20
CA LYS C 99 -18.56 6.68 1.88
C LYS C 99 -18.78 5.56 2.90
N ALA C 100 -17.71 4.90 3.30
CA ALA C 100 -17.76 3.84 4.32
C ALA C 100 -17.95 4.40 5.74
N SER C 101 -17.28 5.51 6.04
CA SER C 101 -17.24 6.07 7.39
C SER C 101 -18.43 6.93 7.83
N THR C 102 -19.27 7.42 6.91
CA THR C 102 -20.27 8.46 7.29
C THR C 102 -21.27 7.94 8.33
N ILE C 103 -21.94 6.84 8.01
CA ILE C 103 -22.74 6.08 8.99
C ILE C 103 -22.04 5.80 10.32
N GLU C 104 -20.82 5.29 10.26
CA GLU C 104 -20.09 4.90 11.46
C GLU C 104 -19.81 6.08 12.38
N ILE C 105 -19.54 7.24 11.78
CA ILE C 105 -19.39 8.50 12.51
C ILE C 105 -20.76 9.06 12.91
N MET C 106 -21.77 8.89 12.06
CA MET C 106 -23.16 9.25 12.40
C MET C 106 -23.64 8.50 13.65
N LEU C 107 -23.35 7.20 13.70
CA LEU C 107 -23.73 6.37 14.85
C LEU C 107 -22.94 6.73 16.09
N LEU C 108 -21.65 7.02 15.92
CA LEU C 108 -20.83 7.56 17.02
C LEU C 108 -21.37 8.90 17.50
N GLU C 109 -21.75 9.77 16.57
CA GLU C 109 -22.35 11.07 16.91
C GLU C 109 -23.76 10.93 17.50
N THR C 110 -24.49 9.91 17.06
CA THR C 110 -25.80 9.57 17.63
C THR C 110 -25.68 9.19 19.11
N ALA C 111 -24.68 8.37 19.42
CA ALA C 111 -24.43 7.90 20.79
C ALA C 111 -24.16 9.06 21.78
N ARG C 112 -23.43 10.07 21.35
CA ARG C 112 -23.14 11.26 22.17
C ARG C 112 -24.40 11.95 22.68
N ARG C 113 -25.37 12.09 21.76
CA ARG C 113 -26.59 12.84 22.01
C ARG C 113 -27.69 12.06 22.74
N TYR C 114 -27.51 10.75 22.89
CA TYR C 114 -28.42 9.92 23.68
C TYR C 114 -28.34 10.27 25.17
N ASN C 115 -29.52 10.40 25.79
CA ASN C 115 -29.67 10.62 27.24
C ASN C 115 -30.41 9.43 27.83
N HIS C 116 -29.77 8.75 28.79
CA HIS C 116 -30.28 7.48 29.34
C HIS C 116 -31.39 7.64 30.39
N GLU C 117 -31.36 8.74 31.14
CA GLU C 117 -32.43 9.05 32.11
C GLU C 117 -33.80 9.18 31.46
N THR C 118 -33.84 9.81 30.29
CA THR C 118 -35.05 9.93 29.46
C THR C 118 -35.20 8.83 28.41
N GLU C 119 -34.07 8.25 27.97
CA GLU C 119 -34.01 7.33 26.83
C GLU C 119 -34.29 8.05 25.50
N CYS C 120 -33.86 9.32 25.43
CA CYS C 120 -34.11 10.19 24.26
C CYS C 120 -32.80 10.65 23.62
N ILE C 121 -32.85 10.86 22.31
CA ILE C 121 -31.71 11.33 21.50
C ILE C 121 -31.99 12.78 21.10
N THR C 122 -31.03 13.67 21.39
CA THR C 122 -31.17 15.12 21.19
C THR C 122 -30.40 15.61 19.96
N PHE C 123 -31.12 15.97 18.90
CA PHE C 123 -30.50 16.49 17.67
C PHE C 123 -30.48 18.03 17.61
N LEU C 124 -29.33 18.58 17.23
CA LEU C 124 -29.10 20.03 17.15
C LEU C 124 -29.46 20.73 18.49
N LYS C 125 -30.23 21.81 18.45
CA LYS C 125 -30.53 22.58 19.66
C LYS C 125 -31.59 21.88 20.50
N ASP C 126 -32.79 21.73 19.94
CA ASP C 126 -34.00 21.41 20.71
C ASP C 126 -34.84 20.23 20.22
N PHE C 127 -34.29 19.37 19.36
CA PHE C 127 -35.06 18.26 18.78
C PHE C 127 -34.73 16.94 19.51
N THR C 128 -35.63 16.52 20.40
CA THR C 128 -35.46 15.33 21.24
C THR C 128 -36.47 14.25 20.88
N TYR C 129 -35.99 13.02 20.65
CA TYR C 129 -36.84 11.92 20.18
C TYR C 129 -36.56 10.62 20.92
N SER C 130 -37.64 9.97 21.36
CA SER C 130 -37.58 8.65 21.99
C SER C 130 -37.69 7.56 20.92
N LYS C 131 -37.35 6.34 21.31
CA LYS C 131 -37.44 5.16 20.42
C LYS C 131 -38.81 4.98 19.77
N ASP C 132 -39.87 5.36 20.49
CA ASP C 132 -41.24 5.37 19.96
C ASP C 132 -41.44 6.45 18.89
N ASP C 133 -40.90 7.64 19.13
CA ASP C 133 -40.99 8.75 18.17
C ASP C 133 -40.22 8.50 16.86
N PHE C 134 -39.15 7.70 16.94
CA PHE C 134 -38.48 7.16 15.75
C PHE C 134 -39.35 6.13 15.04
N HIS C 135 -39.97 5.25 15.81
CA HIS C 135 -40.88 4.22 15.27
C HIS C 135 -42.10 4.81 14.56
N ARG C 136 -42.67 5.87 15.13
CA ARG C 136 -43.85 6.55 14.55
C ARG C 136 -43.56 7.20 13.18
N ALA C 137 -42.30 7.55 12.92
CA ALA C 137 -41.86 8.10 11.63
C ALA C 137 -41.63 7.04 10.52
N GLY C 138 -41.90 5.77 10.82
CA GLY C 138 -41.77 4.70 9.82
C GLY C 138 -40.40 4.05 9.78
N LEU C 139 -39.55 4.37 10.75
CA LEU C 139 -38.26 3.69 10.91
C LEU C 139 -38.51 2.33 11.54
N GLN C 140 -37.92 1.28 10.97
CA GLN C 140 -38.19 -0.10 11.41
C GLN C 140 -37.55 -0.41 12.77
N VAL C 141 -38.27 -1.20 13.57
CA VAL C 141 -37.94 -1.38 14.99
C VAL C 141 -36.71 -2.29 15.18
N GLU C 142 -36.57 -3.29 14.31
CA GLU C 142 -35.41 -4.20 14.33
C GLU C 142 -34.06 -3.47 14.18
N PHE C 143 -34.04 -2.37 13.42
CA PHE C 143 -32.82 -1.60 13.17
C PHE C 143 -32.61 -0.48 14.20
N ILE C 144 -33.71 0.09 14.72
CA ILE C 144 -33.64 1.14 15.75
C ILE C 144 -32.93 0.67 17.03
N ASN C 145 -33.33 -0.48 17.55
CA ASN C 145 -32.86 -0.94 18.86
C ASN C 145 -31.36 -1.26 18.95
N PRO C 146 -30.75 -1.83 17.89
CA PRO C 146 -29.28 -1.95 17.84
C PRO C 146 -28.51 -0.63 17.93
N ILE C 147 -29.05 0.43 17.34
CA ILE C 147 -28.49 1.78 17.47
C ILE C 147 -28.59 2.27 18.92
N PHE C 148 -29.75 2.05 19.53
CA PHE C 148 -29.94 2.33 20.97
C PHE C 148 -29.06 1.44 21.85
N GLU C 149 -28.87 0.18 21.45
CA GLU C 149 -27.93 -0.73 22.13
C GLU C 149 -26.50 -0.19 22.09
N PHE C 150 -26.09 0.28 20.91
CA PHE C 150 -24.77 0.90 20.71
C PHE C 150 -24.61 2.18 21.53
N SER C 151 -25.65 3.02 21.54
CA SER C 151 -25.62 4.28 22.30
C SER C 151 -25.43 4.11 23.81
N ARG C 152 -26.08 3.09 24.38
CA ARG C 152 -25.89 2.74 25.79
C ARG C 152 -24.53 2.11 26.05
N ALA C 153 -24.09 1.25 25.15
CA ALA C 153 -22.75 0.65 25.21
C ALA C 153 -21.66 1.72 25.20
N MET C 154 -21.82 2.72 24.32
CA MET C 154 -20.92 3.88 24.26
C MET C 154 -21.00 4.74 25.54
N ARG C 155 -22.19 4.87 26.11
CA ARG C 155 -22.37 5.60 27.38
C ARG C 155 -21.57 4.96 28.50
N ARG C 156 -21.66 3.64 28.62
CA ARG C 156 -20.90 2.87 29.62
C ARG C 156 -19.38 3.05 29.51
N LEU C 157 -18.88 3.19 28.28
CA LEU C 157 -17.47 3.52 28.06
C LEU C 157 -17.08 4.88 28.65
N GLY C 158 -17.99 5.86 28.57
CA GLY C 158 -17.82 7.15 29.19
C GLY C 158 -16.79 8.00 28.49
N LEU C 159 -16.85 8.01 27.15
CA LEU C 159 -15.89 8.76 26.34
C LEU C 159 -16.02 10.28 26.55
N ASP C 160 -14.88 10.96 26.52
CA ASP C 160 -14.84 12.43 26.54
C ASP C 160 -14.65 13.00 25.13
N ASP C 161 -14.74 14.32 25.00
CA ASP C 161 -14.61 15.01 23.71
C ASP C 161 -13.34 14.67 22.93
N ALA C 162 -12.21 14.63 23.65
CA ALA C 162 -10.91 14.30 23.05
C ALA C 162 -10.89 12.87 22.50
N GLU C 163 -11.30 11.92 23.34
CA GLU C 163 -11.36 10.50 22.98
C GLU C 163 -12.32 10.25 21.81
N TYR C 164 -13.45 10.94 21.82
CA TYR C 164 -14.39 10.95 20.68
C TYR C 164 -13.75 11.48 19.40
N ALA C 165 -13.10 12.64 19.50
CA ALA C 165 -12.46 13.28 18.35
C ALA C 165 -11.35 12.42 17.74
N LEU C 166 -10.56 11.78 18.61
CA LEU C 166 -9.54 10.83 18.17
C LEU C 166 -10.14 9.57 17.53
N LEU C 167 -11.20 9.05 18.12
CA LEU C 167 -11.84 7.83 17.63
C LEU C 167 -12.52 8.03 16.27
N ILE C 168 -13.03 9.23 16.03
CA ILE C 168 -13.62 9.58 14.73
C ILE C 168 -12.53 9.66 13.65
N ALA C 169 -11.39 10.25 13.99
CA ALA C 169 -10.25 10.36 13.07
C ALA C 169 -9.63 9.00 12.76
N ILE C 170 -9.55 8.12 13.76
CA ILE C 170 -9.09 6.73 13.58
C ILE C 170 -10.04 5.98 12.65
N ASN C 171 -11.34 6.21 12.82
CA ASN C 171 -12.36 5.57 11.99
C ASN C 171 -12.27 6.02 10.52
N ILE C 172 -12.05 7.31 10.29
CA ILE C 172 -11.94 7.86 8.93
C ILE C 172 -10.79 7.23 8.17
N PHE C 173 -9.61 7.20 8.80
CA PHE C 173 -8.41 6.63 8.18
C PHE C 173 -8.32 5.12 8.41
N SER C 174 -9.27 4.38 7.85
CA SER C 174 -9.27 2.92 7.89
C SER C 174 -8.83 2.38 6.53
N ALA C 175 -7.90 1.42 6.54
CA ALA C 175 -7.32 0.86 5.32
C ALA C 175 -8.12 -0.29 4.71
N ASP C 176 -9.05 -0.86 5.48
CA ASP C 176 -9.86 -2.00 5.03
C ASP C 176 -11.12 -1.64 4.25
N ARG C 177 -11.23 -0.39 3.77
CA ARG C 177 -12.43 0.07 3.07
C ARG C 177 -12.50 -0.45 1.63
N PRO C 178 -13.70 -0.41 1.02
CA PRO C 178 -13.78 -0.67 -0.43
C PRO C 178 -13.19 0.47 -1.27
N ASN C 179 -12.74 0.13 -2.47
CA ASN C 179 -12.21 1.10 -3.44
C ASN C 179 -10.98 1.87 -2.92
N VAL C 180 -10.00 1.11 -2.41
CA VAL C 180 -8.73 1.70 -1.97
C VAL C 180 -7.88 2.12 -3.18
N GLN C 181 -7.58 3.40 -3.28
CA GLN C 181 -6.61 3.88 -4.24
C GLN C 181 -5.22 3.53 -3.72
N GLU C 182 -4.93 3.99 -2.50
CA GLU C 182 -3.63 3.79 -1.86
C GLU C 182 -3.83 3.48 -0.35
N PRO C 183 -3.91 2.18 0.01
CA PRO C 183 -4.15 1.80 1.41
C PRO C 183 -2.95 2.00 2.35
N GLY C 184 -1.73 1.98 1.81
CA GLY C 184 -0.52 2.17 2.60
C GLY C 184 -0.38 3.55 3.24
N ARG C 185 -0.90 4.56 2.54
CA ARG C 185 -0.83 5.94 3.02
C ARG C 185 -1.80 6.21 4.18
N VAL C 186 -3.01 5.66 4.11
CA VAL C 186 -4.05 5.91 5.13
C VAL C 186 -3.71 5.25 6.47
N GLU C 187 -3.05 4.09 6.42
CA GLU C 187 -2.53 3.44 7.64
C GLU C 187 -1.50 4.32 8.35
N ALA C 188 -0.65 4.98 7.57
CA ALA C 188 0.32 5.94 8.09
C ALA C 188 -0.35 7.22 8.63
N LEU C 189 -1.44 7.66 7.99
CA LEU C 189 -2.23 8.79 8.50
C LEU C 189 -2.99 8.46 9.77
N GLN C 190 -3.37 7.20 9.95
CA GLN C 190 -4.08 6.74 11.14
C GLN C 190 -3.17 6.67 12.37
N GLN C 191 -1.91 6.25 12.17
CA GLN C 191 -0.97 5.95 13.27
C GLN C 191 -0.82 7.05 14.33
N PRO C 192 -0.67 8.33 13.91
CA PRO C 192 -0.59 9.43 14.89
C PRO C 192 -1.79 9.54 15.83
N TYR C 193 -3.00 9.25 15.32
CA TYR C 193 -4.22 9.32 16.13
C TYR C 193 -4.36 8.12 17.07
N VAL C 194 -3.91 6.95 16.61
CA VAL C 194 -3.91 5.73 17.43
C VAL C 194 -2.86 5.86 18.54
N GLU C 195 -1.70 6.43 18.20
CA GLU C 195 -0.65 6.73 19.18
C GLU C 195 -1.12 7.78 20.19
N ALA C 196 -1.78 8.82 19.68
CA ALA C 196 -2.32 9.89 20.54
C ALA C 196 -3.39 9.36 21.50
N LEU C 197 -4.32 8.58 20.97
CA LEU C 197 -5.38 7.99 21.78
C LEU C 197 -4.88 6.98 22.81
N LEU C 198 -3.89 6.17 22.43
CA LEU C 198 -3.29 5.20 23.36
C LEU C 198 -2.64 5.90 24.55
N SER C 199 -1.79 6.88 24.25
CA SER C 199 -1.10 7.69 25.27
C SER C 199 -2.07 8.54 26.10
N TYR C 200 -3.13 9.04 25.48
CA TYR C 200 -4.16 9.81 26.17
C TYR C 200 -4.90 8.96 27.21
N THR C 201 -5.37 7.79 26.80
CA THR C 201 -6.13 6.90 27.69
C THR C 201 -5.30 6.34 28.85
N ARG C 202 -4.01 6.13 28.62
CA ARG C 202 -3.09 5.69 29.67
C ARG C 202 -2.86 6.79 30.73
N ILE C 203 -2.87 8.04 30.29
CA ILE C 203 -2.75 9.20 31.19
C ILE C 203 -4.09 9.52 31.89
N LYS C 204 -5.17 9.58 31.10
CA LYS C 204 -6.49 9.93 31.62
C LYS C 204 -7.07 8.87 32.57
N ARG C 205 -6.87 7.60 32.23
CA ARG C 205 -7.35 6.48 33.06
C ARG C 205 -6.23 5.42 33.21
N PRO C 206 -5.20 5.72 34.03
CA PRO C 206 -4.10 4.76 34.23
C PRO C 206 -4.50 3.47 34.95
N GLN C 207 -5.53 3.55 35.79
CA GLN C 207 -6.08 2.37 36.47
C GLN C 207 -6.68 1.37 35.47
N ASP C 208 -7.54 1.87 34.58
CA ASP C 208 -8.20 1.04 33.58
C ASP C 208 -7.29 0.85 32.35
N GLN C 209 -6.46 -0.19 32.39
CA GLN C 209 -5.52 -0.52 31.31
C GLN C 209 -6.21 -0.98 30.01
N LEU C 210 -7.45 -1.47 30.14
CA LEU C 210 -8.22 -1.96 28.99
C LEU C 210 -9.27 -0.97 28.45
N ARG C 211 -9.22 0.29 28.87
CA ARG C 211 -10.11 1.32 28.32
C ARG C 211 -9.94 1.48 26.80
N PHE C 212 -8.68 1.43 26.36
CA PHE C 212 -8.31 1.66 24.97
C PHE C 212 -8.75 0.53 24.02
N PRO C 213 -8.59 -0.75 24.42
CA PRO C 213 -9.16 -1.86 23.65
C PRO C 213 -10.67 -1.81 23.43
N ARG C 214 -11.44 -1.53 24.47
CA ARG C 214 -12.92 -1.46 24.37
C ARG C 214 -13.37 -0.52 23.27
N MET C 215 -12.81 0.69 23.25
CA MET C 215 -13.16 1.69 22.21
C MET C 215 -12.73 1.29 20.79
N LEU C 216 -11.65 0.51 20.67
CA LEU C 216 -11.30 -0.14 19.39
C LEU C 216 -12.29 -1.24 19.00
N MET C 217 -12.83 -1.97 19.98
CA MET C 217 -13.87 -2.98 19.74
C MET C 217 -15.17 -2.35 19.25
N LYS C 218 -15.40 -1.07 19.54
CA LYS C 218 -16.58 -0.37 19.03
C LYS C 218 -16.45 -0.07 17.53
N LEU C 219 -15.23 0.08 17.03
CA LEU C 219 -14.98 0.11 15.58
C LEU C 219 -15.32 -1.22 14.92
N VAL C 220 -15.07 -2.33 15.62
CA VAL C 220 -15.45 -3.67 15.16
C VAL C 220 -16.97 -3.77 15.08
N SER C 221 -17.65 -3.28 16.13
CA SER C 221 -19.11 -3.21 16.15
C SER C 221 -19.66 -2.37 15.02
N LEU C 222 -19.13 -1.16 14.88
CA LEU C 222 -19.57 -0.22 13.84
C LEU C 222 -19.52 -0.76 12.40
N ARG C 223 -18.68 -1.75 12.13
CA ARG C 223 -18.66 -2.43 10.81
C ARG C 223 -19.89 -3.29 10.55
N THR C 224 -20.37 -4.03 11.54
CA THR C 224 -21.62 -4.79 11.39
C THR C 224 -22.83 -3.85 11.36
N LEU C 225 -22.79 -2.78 12.15
CA LEU C 225 -23.83 -1.74 12.10
C LEU C 225 -23.86 -1.01 10.75
N SER C 226 -22.71 -0.95 10.07
CA SER C 226 -22.61 -0.38 8.73
C SER C 226 -23.34 -1.22 7.68
N SER C 227 -23.03 -2.51 7.66
CA SER C 227 -23.69 -3.46 6.77
C SER C 227 -25.18 -3.64 7.11
N VAL C 228 -25.52 -3.51 8.39
CA VAL C 228 -26.92 -3.47 8.84
C VAL C 228 -27.67 -2.26 8.26
N HIS C 229 -27.02 -1.09 8.28
CA HIS C 229 -27.62 0.15 7.74
C HIS C 229 -27.93 0.08 6.25
N SER C 230 -27.08 -0.61 5.48
CA SER C 230 -27.34 -0.89 4.08
C SER C 230 -28.65 -1.68 3.92
N GLU C 231 -28.83 -2.69 4.76
CA GLU C 231 -30.07 -3.49 4.79
C GLU C 231 -31.30 -2.65 5.16
N GLN C 232 -31.13 -1.68 6.08
CA GLN C 232 -32.21 -0.75 6.43
C GLN C 232 -32.55 0.16 5.26
N VAL C 233 -31.58 0.94 4.79
CA VAL C 233 -31.77 1.88 3.67
C VAL C 233 -32.51 1.25 2.49
N PHE C 234 -32.18 -0.01 2.21
CA PHE C 234 -32.89 -0.83 1.23
C PHE C 234 -34.38 -1.04 1.57
N ALA C 235 -34.66 -1.35 2.83
CA ALA C 235 -36.04 -1.55 3.30
C ALA C 235 -36.95 -0.32 3.18
N LEU C 236 -36.39 0.87 3.43
CA LEU C 236 -37.14 2.13 3.26
C LEU C 236 -37.46 2.41 1.79
N ARG C 237 -36.53 2.05 0.92
CA ARG C 237 -36.68 2.12 -0.55
C ARG C 237 -37.99 1.47 -1.04
N LEU C 238 -38.30 0.30 -0.49
CA LEU C 238 -39.45 -0.51 -0.89
C LEU C 238 -40.74 -0.09 -0.18
N GLN C 239 -40.58 0.57 0.97
CA GLN C 239 -41.69 1.29 1.63
C GLN C 239 -42.03 2.63 0.96
N ASP C 240 -41.48 2.89 -0.24
CA ASP C 240 -41.68 4.14 -0.98
C ASP C 240 -41.09 5.33 -0.21
N LYS C 241 -39.92 5.10 0.37
CA LYS C 241 -39.17 6.12 1.12
C LYS C 241 -37.73 6.10 0.61
N LYS C 242 -37.58 6.48 -0.66
CA LYS C 242 -36.26 6.53 -1.30
C LYS C 242 -35.43 7.66 -0.69
N LEU C 243 -34.15 7.38 -0.46
CA LEU C 243 -33.24 8.38 0.10
C LEU C 243 -32.92 9.45 -0.96
N PRO C 244 -32.60 10.68 -0.52
CA PRO C 244 -32.20 11.74 -1.46
C PRO C 244 -30.85 11.42 -2.13
N PRO C 245 -30.54 12.09 -3.27
CA PRO C 245 -29.41 11.68 -4.11
C PRO C 245 -28.04 11.66 -3.41
N LEU C 246 -27.83 12.52 -2.42
CA LEU C 246 -26.60 12.49 -1.62
C LEU C 246 -26.51 11.20 -0.81
N LEU C 247 -27.57 10.87 -0.08
CA LEU C 247 -27.62 9.64 0.72
C LEU C 247 -27.75 8.38 -0.16
N SER C 248 -28.44 8.50 -1.28
CA SER C 248 -28.52 7.42 -2.28
C SER C 248 -27.15 7.11 -2.88
N GLU C 249 -26.40 8.17 -3.20
CA GLU C 249 -25.05 8.03 -3.76
C GLU C 249 -24.11 7.31 -2.79
N ILE C 250 -24.14 7.71 -1.52
CA ILE C 250 -23.24 7.15 -0.51
C ILE C 250 -23.63 5.73 -0.10
N TRP C 251 -24.92 5.49 0.12
CA TRP C 251 -25.43 4.17 0.55
C TRP C 251 -26.19 3.42 -0.55
N ASP C 252 -25.65 3.40 -1.76
CA ASP C 252 -26.30 2.73 -2.90
C ASP C 252 -26.26 1.21 -2.75
N LYS C 263 -20.28 11.62 -7.30
CA LYS C 263 -21.22 12.42 -8.09
C LYS C 263 -21.53 13.75 -7.39
N ILE C 264 -22.55 13.77 -6.52
CA ILE C 264 -22.89 14.95 -5.72
C ILE C 264 -21.88 15.19 -4.59
N LEU C 265 -21.14 14.14 -4.21
CA LEU C 265 -20.18 14.22 -3.11
C LEU C 265 -18.91 15.04 -3.44
N HIS C 266 -18.59 15.17 -4.73
CA HIS C 266 -17.51 16.07 -5.18
C HIS C 266 -17.79 17.54 -4.86
N ARG C 267 -19.04 17.96 -5.07
CA ARG C 267 -19.45 19.35 -4.82
C ARG C 267 -19.33 19.76 -3.35
N LEU C 268 -19.70 18.85 -2.44
CA LEU C 268 -19.54 19.07 -1.00
C LEU C 268 -18.07 19.14 -0.59
N LEU C 269 -17.24 18.26 -1.20
CA LEU C 269 -15.81 18.24 -0.94
C LEU C 269 -15.10 19.46 -1.58
N GLN C 270 -15.63 19.94 -2.70
CA GLN C 270 -15.03 21.08 -3.43
C GLN C 270 -15.15 22.43 -2.73
N ASP C 271 -16.39 22.87 -2.53
CA ASP C 271 -16.72 24.21 -2.01
C ASP C 271 -15.76 24.75 -0.95
N LEU D 14 6.92 28.88 4.85
CA LEU D 14 7.53 27.61 5.37
C LEU D 14 7.03 27.27 6.77
N THR D 15 6.86 25.97 7.03
CA THR D 15 6.37 25.46 8.30
C THR D 15 7.52 25.45 9.33
N ALA D 16 7.17 25.54 10.61
CA ALA D 16 8.14 25.45 11.71
C ALA D 16 8.73 24.05 11.83
N ALA D 17 7.86 23.04 11.74
CA ALA D 17 8.26 21.63 11.63
C ALA D 17 9.25 21.32 10.49
N GLN D 18 9.11 22.03 9.36
CA GLN D 18 10.05 21.91 8.24
C GLN D 18 11.41 22.53 8.57
N GLU D 19 11.41 23.70 9.22
CA GLU D 19 12.65 24.41 9.57
C GLU D 19 13.54 23.65 10.56
N LEU D 20 12.92 23.10 11.61
CA LEU D 20 13.66 22.29 12.61
C LEU D 20 14.24 21.01 12.04
N MET D 21 13.48 20.36 11.15
CA MET D 21 13.86 19.05 10.59
C MET D 21 14.99 19.16 9.55
N ILE D 22 14.96 20.19 8.70
CA ILE D 22 16.05 20.43 7.74
C ILE D 22 17.32 20.81 8.51
N GLN D 23 17.18 21.64 9.54
CA GLN D 23 18.29 21.97 10.45
C GLN D 23 18.86 20.72 11.15
N GLN D 24 17.99 19.78 11.51
CA GLN D 24 18.40 18.47 12.02
C GLN D 24 19.19 17.67 10.97
N LEU D 25 18.72 17.69 9.73
CA LEU D 25 19.40 17.01 8.62
C LEU D 25 20.73 17.65 8.23
N VAL D 26 20.77 18.98 8.13
CA VAL D 26 22.00 19.70 7.78
C VAL D 26 23.06 19.59 8.89
N ALA D 27 22.62 19.68 10.14
CA ALA D 27 23.52 19.47 11.29
C ALA D 27 24.04 18.04 11.35
N ALA D 28 23.19 17.06 11.03
CA ALA D 28 23.58 15.65 10.96
C ALA D 28 24.63 15.40 9.87
N GLN D 29 24.44 16.03 8.70
CA GLN D 29 25.39 15.94 7.60
C GLN D 29 26.72 16.66 7.91
N LEU D 30 26.64 17.78 8.60
CA LEU D 30 27.83 18.58 8.98
C LEU D 30 28.70 17.87 10.02
N GLN D 31 28.08 17.17 10.97
CA GLN D 31 28.80 16.43 12.01
C GLN D 31 29.59 15.24 11.47
N CYS D 32 29.03 14.53 10.48
CA CYS D 32 29.70 13.42 9.82
C CYS D 32 30.90 13.84 8.97
N ASN D 33 30.86 15.07 8.46
CA ASN D 33 31.98 15.66 7.70
C ASN D 33 33.26 15.82 8.53
N LYS D 34 33.10 16.00 9.85
CA LYS D 34 34.24 16.04 10.78
C LYS D 34 34.98 14.69 10.85
N ARG D 35 34.21 13.61 10.99
CA ARG D 35 34.78 12.25 11.04
C ARG D 35 35.19 11.78 9.65
N VAL D 43 43.87 6.48 7.31
CA VAL D 43 43.76 6.14 5.89
C VAL D 43 45.11 5.74 5.31
N THR D 44 45.09 4.75 4.39
CA THR D 44 46.29 4.36 3.64
C THR D 44 46.63 5.50 2.66
N PRO D 45 47.74 6.24 2.92
CA PRO D 45 47.97 7.45 2.11
C PRO D 45 48.22 7.21 0.61
N TRP D 46 48.03 8.26 -0.18
CA TRP D 46 48.00 8.15 -1.64
C TRP D 46 49.42 8.05 -2.24
N PRO D 47 49.64 7.12 -3.20
CA PRO D 47 50.94 7.05 -3.88
C PRO D 47 51.22 8.21 -4.84
N LEU D 48 52.48 8.65 -4.88
CA LEU D 48 52.92 9.71 -5.79
C LEU D 48 53.70 9.12 -6.96
N SER D 58 49.27 -0.53 -9.39
CA SER D 58 48.11 0.31 -9.05
C SER D 58 47.15 -0.30 -8.01
N GLN D 59 47.57 -1.35 -7.31
CA GLN D 59 46.79 -1.94 -6.22
C GLN D 59 46.77 -1.01 -5.00
N GLN D 60 47.82 -0.20 -4.83
CA GLN D 60 47.89 0.81 -3.78
C GLN D 60 46.88 1.94 -3.97
N ARG D 61 46.66 2.33 -5.24
CA ARG D 61 45.69 3.38 -5.58
C ARG D 61 44.25 2.93 -5.36
N PHE D 62 43.94 1.68 -5.73
CA PHE D 62 42.60 1.09 -5.56
C PHE D 62 42.24 0.89 -4.08
N ALA D 63 43.20 0.45 -3.28
CA ALA D 63 43.00 0.26 -1.84
C ALA D 63 42.71 1.57 -1.09
N HIS D 64 43.24 2.69 -1.60
CA HIS D 64 42.98 4.01 -1.01
C HIS D 64 41.53 4.42 -1.22
N PHE D 65 41.05 4.31 -2.45
CA PHE D 65 39.64 4.58 -2.77
C PHE D 65 38.68 3.62 -2.07
N THR D 66 39.10 2.35 -1.95
CA THR D 66 38.38 1.35 -1.14
C THR D 66 38.20 1.82 0.30
N GLU D 67 39.27 2.41 0.86
CA GLU D 67 39.21 3.03 2.18
C GLU D 67 38.26 4.23 2.22
N LEU D 68 38.35 5.10 1.22
CA LEU D 68 37.46 6.26 1.10
C LEU D 68 35.98 5.84 0.97
N ALA D 69 35.73 4.77 0.21
CA ALA D 69 34.39 4.20 0.07
C ALA D 69 33.89 3.56 1.37
N ILE D 70 34.79 2.90 2.11
CA ILE D 70 34.43 2.28 3.41
C ILE D 70 34.02 3.36 4.44
N ILE D 71 34.70 4.51 4.40
CA ILE D 71 34.39 5.65 5.26
C ILE D 71 33.03 6.25 4.86
N SER D 72 32.80 6.40 3.56
CA SER D 72 31.56 7.01 3.02
C SER D 72 30.30 6.24 3.40
N VAL D 73 30.35 4.91 3.33
CA VAL D 73 29.24 4.04 3.77
C VAL D 73 28.99 4.23 5.27
N GLN D 74 30.06 4.22 6.07
CA GLN D 74 29.97 4.43 7.53
C GLN D 74 29.34 5.77 7.93
N GLU D 75 29.55 6.81 7.13
CA GLU D 75 28.89 8.10 7.32
C GLU D 75 27.42 8.04 6.92
N ILE D 76 27.13 7.32 5.83
CA ILE D 76 25.75 7.18 5.31
C ILE D 76 24.84 6.40 6.28
N VAL D 77 25.34 5.30 6.86
CA VAL D 77 24.56 4.53 7.85
C VAL D 77 24.23 5.37 9.10
N ASP D 78 25.18 6.20 9.52
CA ASP D 78 25.02 7.09 10.67
C ASP D 78 24.08 8.27 10.37
N PHE D 79 24.13 8.81 9.16
CA PHE D 79 23.20 9.86 8.73
C PHE D 79 21.78 9.32 8.60
N ALA D 80 21.65 8.10 8.07
CA ALA D 80 20.35 7.41 8.04
C ALA D 80 19.81 7.20 9.45
N LYS D 81 20.71 6.95 10.40
CA LYS D 81 20.35 6.91 11.81
C LYS D 81 19.84 8.26 12.34
N GLN D 82 20.48 9.35 11.91
CA GLN D 82 20.11 10.71 12.33
C GLN D 82 18.77 11.22 11.77
N VAL D 83 18.43 10.85 10.53
CA VAL D 83 17.16 11.32 9.90
C VAL D 83 15.94 10.79 10.66
N PRO D 84 14.98 11.69 11.01
CA PRO D 84 13.75 11.27 11.70
C PRO D 84 12.93 10.24 10.94
N GLY D 85 12.46 9.21 11.65
CA GLY D 85 11.59 8.19 11.08
C GLY D 85 12.26 6.88 10.65
N PHE D 86 13.60 6.87 10.56
CA PHE D 86 14.31 5.71 10.00
C PHE D 86 14.41 4.52 10.96
N LEU D 87 14.69 4.79 12.24
CA LEU D 87 14.89 3.70 13.22
C LEU D 87 13.58 3.14 13.78
N GLN D 88 12.53 3.96 13.75
CA GLN D 88 11.16 3.46 14.03
C GLN D 88 10.60 2.51 12.95
N LEU D 89 11.36 2.29 11.86
CA LEU D 89 11.08 1.24 10.88
C LEU D 89 11.77 -0.08 11.26
N GLY D 90 11.33 -1.17 10.61
CA GLY D 90 11.86 -2.51 10.89
C GLY D 90 13.26 -2.75 10.37
N ARG D 91 14.05 -3.52 11.12
CA ARG D 91 15.46 -3.79 10.79
C ARG D 91 15.67 -4.49 9.44
N GLU D 92 14.69 -5.29 9.02
CA GLU D 92 14.69 -5.89 7.67
C GLU D 92 14.60 -4.81 6.59
N ASP D 93 13.73 -3.83 6.81
CA ASP D 93 13.59 -2.68 5.90
C ASP D 93 14.78 -1.71 5.96
N GLN D 94 15.36 -1.52 7.15
CA GLN D 94 16.48 -0.59 7.34
C GLN D 94 17.68 -0.93 6.46
N ILE D 95 18.10 -2.20 6.48
CA ILE D 95 19.13 -2.70 5.57
C ILE D 95 18.69 -2.67 4.09
N ALA D 96 17.43 -3.05 3.84
CA ALA D 96 16.87 -3.09 2.47
C ALA D 96 16.95 -1.74 1.74
N LEU D 97 16.63 -0.67 2.46
CA LEU D 97 16.71 0.68 1.91
C LEU D 97 18.14 1.19 1.75
N LEU D 98 19.01 0.85 2.70
CA LEU D 98 20.41 1.27 2.66
C LEU D 98 21.20 0.61 1.54
N LYS D 99 21.00 -0.70 1.32
CA LYS D 99 21.75 -1.42 0.28
C LYS D 99 21.63 -0.77 -1.10
N ALA D 100 20.41 -0.40 -1.47
CA ALA D 100 20.14 0.24 -2.77
C ALA D 100 20.50 1.73 -2.82
N SER D 101 20.22 2.45 -1.74
CA SER D 101 20.45 3.90 -1.68
C SER D 101 21.89 4.34 -1.36
N THR D 102 22.73 3.43 -0.87
CA THR D 102 24.10 3.78 -0.46
C THR D 102 24.92 4.34 -1.61
N ILE D 103 24.97 3.62 -2.72
CA ILE D 103 25.70 4.07 -3.92
C ILE D 103 25.16 5.40 -4.49
N GLU D 104 23.86 5.60 -4.41
CA GLU D 104 23.21 6.79 -4.96
C GLU D 104 23.52 8.02 -4.13
N ILE D 105 23.58 7.84 -2.80
CA ILE D 105 23.96 8.92 -1.88
C ILE D 105 25.47 9.21 -2.00
N MET D 106 26.27 8.17 -2.22
CA MET D 106 27.70 8.34 -2.52
C MET D 106 27.92 9.28 -3.71
N LEU D 107 27.16 9.06 -4.78
CA LEU D 107 27.30 9.87 -6.00
C LEU D 107 26.80 11.30 -5.83
N LEU D 108 25.74 11.48 -5.03
CA LEU D 108 25.30 12.83 -4.65
C LEU D 108 26.36 13.58 -3.84
N GLU D 109 26.97 12.87 -2.89
CA GLU D 109 28.09 13.41 -2.11
C GLU D 109 29.33 13.63 -2.98
N THR D 110 29.59 12.74 -3.92
CA THR D 110 30.66 12.89 -4.93
C THR D 110 30.43 14.12 -5.81
N ALA D 111 29.19 14.30 -6.28
CA ALA D 111 28.81 15.45 -7.12
C ALA D 111 28.90 16.78 -6.37
N ARG D 112 28.65 16.73 -5.06
CA ARG D 112 28.77 17.88 -4.16
C ARG D 112 30.19 18.46 -4.13
N ARG D 113 31.18 17.56 -4.19
CA ARG D 113 32.60 17.91 -4.10
C ARG D 113 33.28 18.23 -5.43
N TYR D 114 32.56 18.06 -6.54
CA TYR D 114 33.09 18.36 -7.87
C TYR D 114 33.22 19.88 -8.09
N ASN D 115 34.36 20.29 -8.66
CA ASN D 115 34.63 21.67 -9.02
C ASN D 115 34.49 21.82 -10.54
N HIS D 116 33.61 22.73 -10.97
CA HIS D 116 33.35 22.95 -12.40
C HIS D 116 34.58 23.50 -13.14
N GLU D 117 35.30 24.41 -12.51
CA GLU D 117 36.46 25.07 -13.11
C GLU D 117 37.66 24.13 -13.28
N THR D 118 37.97 23.33 -12.24
CA THR D 118 39.13 22.43 -12.25
C THR D 118 38.81 21.06 -12.88
N GLU D 119 37.56 20.62 -12.72
CA GLU D 119 37.11 19.29 -13.15
C GLU D 119 37.70 18.16 -12.28
N CYS D 120 37.97 18.46 -11.01
CA CYS D 120 38.49 17.50 -10.03
C CYS D 120 37.51 17.34 -8.87
N ILE D 121 37.60 16.22 -8.17
CA ILE D 121 36.71 15.89 -7.04
C ILE D 121 37.53 15.84 -5.75
N THR D 122 37.12 16.63 -4.76
CA THR D 122 37.83 16.74 -3.47
C THR D 122 37.14 15.90 -2.39
N PHE D 123 37.75 14.76 -2.02
CA PHE D 123 37.27 13.95 -0.91
C PHE D 123 37.96 14.34 0.39
N LEU D 124 37.18 14.45 1.48
CA LEU D 124 37.65 14.83 2.81
C LEU D 124 38.19 16.28 2.80
N LYS D 125 39.21 16.59 3.60
CA LYS D 125 39.72 17.96 3.69
C LYS D 125 40.35 18.43 2.37
N ASP D 126 41.40 17.72 1.93
CA ASP D 126 42.21 18.16 0.78
C ASP D 126 42.67 17.05 -0.17
N PHE D 127 41.98 15.91 -0.19
CA PHE D 127 42.32 14.81 -1.08
C PHE D 127 41.58 14.98 -2.42
N THR D 128 42.26 15.56 -3.41
CA THR D 128 41.65 15.90 -4.70
C THR D 128 42.09 14.92 -5.79
N TYR D 129 41.13 14.45 -6.60
CA TYR D 129 41.39 13.47 -7.67
C TYR D 129 40.64 13.83 -8.95
N SER D 130 41.35 13.78 -10.08
CA SER D 130 40.76 14.03 -11.40
C SER D 130 40.33 12.72 -12.09
N LYS D 131 39.72 12.85 -13.27
CA LYS D 131 39.34 11.70 -14.08
C LYS D 131 40.51 10.78 -14.43
N ASP D 132 41.71 11.36 -14.56
CA ASP D 132 42.95 10.59 -14.76
C ASP D 132 43.34 9.75 -13.54
N ASP D 133 43.12 10.28 -12.33
CA ASP D 133 43.43 9.56 -11.09
C ASP D 133 42.53 8.33 -10.88
N PHE D 134 41.25 8.46 -11.25
CA PHE D 134 40.33 7.31 -11.20
C PHE D 134 40.61 6.31 -12.32
N HIS D 135 41.03 6.81 -13.48
CA HIS D 135 41.51 5.95 -14.57
C HIS D 135 42.80 5.22 -14.18
N ARG D 136 43.69 5.91 -13.47
CA ARG D 136 44.93 5.33 -12.96
C ARG D 136 44.71 4.24 -11.90
N ALA D 137 43.63 4.36 -11.13
CA ALA D 137 43.26 3.35 -10.12
C ALA D 137 42.73 2.03 -10.68
N GLY D 138 42.39 2.01 -11.98
CA GLY D 138 41.89 0.81 -12.64
C GLY D 138 40.38 0.72 -12.72
N LEU D 139 39.71 1.86 -12.54
CA LEU D 139 38.26 1.96 -12.77
C LEU D 139 38.07 2.30 -14.25
N GLN D 140 37.21 1.53 -14.93
CA GLN D 140 37.01 1.68 -16.37
C GLN D 140 36.34 3.00 -16.71
N VAL D 141 36.72 3.59 -17.84
CA VAL D 141 36.21 4.91 -18.26
C VAL D 141 34.70 4.88 -18.58
N GLU D 142 34.19 3.71 -19.00
CA GLU D 142 32.77 3.50 -19.25
C GLU D 142 31.88 3.74 -18.03
N PHE D 143 32.41 3.50 -16.83
CA PHE D 143 31.68 3.69 -15.56
C PHE D 143 31.88 5.09 -14.95
N ILE D 144 33.05 5.69 -15.14
CA ILE D 144 33.38 7.00 -14.55
C ILE D 144 32.86 8.20 -15.37
N ASN D 145 32.81 8.07 -16.70
CA ASN D 145 32.30 9.14 -17.57
C ASN D 145 30.90 9.66 -17.19
N PRO D 146 29.94 8.73 -16.92
CA PRO D 146 28.63 9.20 -16.45
C PRO D 146 28.61 9.82 -15.03
N ILE D 147 29.58 9.45 -14.18
CA ILE D 147 29.74 10.07 -12.85
C ILE D 147 30.13 11.54 -12.96
N PHE D 148 31.11 11.84 -13.81
CA PHE D 148 31.52 13.23 -14.05
C PHE D 148 30.45 14.02 -14.80
N GLU D 149 29.79 13.38 -15.75
CA GLU D 149 28.61 13.96 -16.43
C GLU D 149 27.48 14.26 -15.44
N PHE D 150 27.29 13.37 -14.46
CA PHE D 150 26.31 13.60 -13.38
C PHE D 150 26.71 14.76 -12.45
N SER D 151 27.99 14.85 -12.11
CA SER D 151 28.50 15.91 -11.23
C SER D 151 28.36 17.32 -11.80
N ARG D 152 28.58 17.47 -13.11
CA ARG D 152 28.37 18.76 -13.79
C ARG D 152 26.90 19.14 -13.81
N ALA D 153 26.04 18.17 -14.09
CA ALA D 153 24.60 18.37 -14.09
C ALA D 153 24.06 18.78 -12.73
N MET D 154 24.63 18.21 -11.66
CA MET D 154 24.33 18.64 -10.28
C MET D 154 24.83 20.06 -10.01
N ARG D 155 26.02 20.39 -10.51
CA ARG D 155 26.57 21.74 -10.40
C ARG D 155 25.71 22.77 -11.12
N ARG D 156 25.22 22.40 -12.31
CA ARG D 156 24.33 23.26 -13.10
C ARG D 156 23.05 23.63 -12.36
N LEU D 157 22.52 22.68 -11.58
CA LEU D 157 21.32 22.92 -10.76
C LEU D 157 21.52 24.02 -9.71
N GLY D 158 22.70 24.05 -9.09
CA GLY D 158 23.01 25.03 -8.05
C GLY D 158 22.37 24.64 -6.74
N LEU D 159 22.61 23.40 -6.33
CA LEU D 159 22.16 22.88 -5.03
C LEU D 159 22.86 23.59 -3.88
N ASP D 160 22.20 23.65 -2.73
CA ASP D 160 22.81 24.12 -1.49
C ASP D 160 22.81 23.02 -0.41
N ASP D 161 23.32 23.35 0.77
CA ASP D 161 23.53 22.35 1.84
C ASP D 161 22.22 21.74 2.37
N ALA D 162 21.19 22.58 2.47
CA ALA D 162 19.86 22.16 2.91
C ALA D 162 19.16 21.24 1.91
N GLU D 163 19.27 21.60 0.63
CA GLU D 163 18.61 20.86 -0.45
C GLU D 163 19.27 19.53 -0.75
N TYR D 164 20.59 19.43 -0.52
CA TYR D 164 21.29 18.15 -0.62
C TYR D 164 20.79 17.16 0.44
N ALA D 165 20.70 17.63 1.68
CA ALA D 165 20.22 16.82 2.80
C ALA D 165 18.78 16.33 2.61
N LEU D 166 17.92 17.20 2.08
CA LEU D 166 16.54 16.83 1.78
C LEU D 166 16.45 15.82 0.64
N LEU D 167 17.27 16.02 -0.40
CA LEU D 167 17.29 15.11 -1.55
C LEU D 167 17.89 13.74 -1.19
N ILE D 168 18.84 13.72 -0.25
CA ILE D 168 19.40 12.47 0.28
C ILE D 168 18.34 11.68 1.06
N ALA D 169 17.56 12.38 1.90
CA ALA D 169 16.50 11.74 2.71
C ALA D 169 15.37 11.19 1.85
N ILE D 170 14.99 11.92 0.80
CA ILE D 170 14.03 11.44 -0.21
C ILE D 170 14.50 10.13 -0.86
N ASN D 171 15.79 10.04 -1.16
CA ASN D 171 16.38 8.88 -1.83
C ASN D 171 16.40 7.63 -0.93
N ILE D 172 16.62 7.82 0.37
CA ILE D 172 16.62 6.71 1.34
C ILE D 172 15.24 6.05 1.41
N PHE D 173 14.19 6.87 1.51
CA PHE D 173 12.81 6.38 1.60
C PHE D 173 12.17 6.16 0.23
N SER D 174 12.77 5.27 -0.55
CA SER D 174 12.21 4.84 -1.84
C SER D 174 11.43 3.55 -1.61
N ALA D 175 10.19 3.52 -2.09
CA ALA D 175 9.29 2.38 -1.89
C ALA D 175 9.63 1.20 -2.81
N ASP D 176 10.03 1.50 -4.04
CA ASP D 176 10.26 0.49 -5.08
C ASP D 176 11.63 -0.22 -5.01
N ARG D 177 12.31 -0.18 -3.87
CA ARG D 177 13.55 -0.95 -3.69
C ARG D 177 13.22 -2.44 -3.55
N PRO D 178 14.20 -3.32 -3.89
CA PRO D 178 14.00 -4.76 -3.66
C PRO D 178 13.88 -5.16 -2.17
N ASN D 179 12.98 -6.09 -1.89
CA ASN D 179 12.83 -6.72 -0.56
C ASN D 179 12.40 -5.77 0.56
N VAL D 180 11.45 -4.88 0.27
CA VAL D 180 10.86 -4.00 1.28
C VAL D 180 9.57 -4.66 1.81
N GLN D 181 9.57 -4.97 3.10
CA GLN D 181 8.44 -5.68 3.74
C GLN D 181 7.17 -4.83 3.86
N GLU D 182 7.34 -3.51 4.07
CA GLU D 182 6.22 -2.56 4.14
C GLU D 182 6.47 -1.35 3.23
N PRO D 183 6.16 -1.48 1.91
CA PRO D 183 6.29 -0.37 0.96
C PRO D 183 5.36 0.81 1.22
N GLY D 184 4.18 0.56 1.77
CA GLY D 184 3.25 1.62 2.16
C GLY D 184 3.79 2.50 3.28
N ARG D 185 4.47 1.87 4.24
CA ARG D 185 5.09 2.58 5.36
C ARG D 185 6.13 3.58 4.87
N VAL D 186 7.11 3.10 4.11
CA VAL D 186 8.25 3.91 3.67
C VAL D 186 7.88 5.12 2.79
N GLU D 187 6.88 4.94 1.93
CA GLU D 187 6.36 6.05 1.10
C GLU D 187 5.75 7.18 1.93
N ALA D 188 5.17 6.84 3.09
CA ALA D 188 4.65 7.83 4.03
C ALA D 188 5.73 8.65 4.72
N LEU D 189 6.88 8.03 5.01
CA LEU D 189 8.02 8.75 5.60
C LEU D 189 8.79 9.60 4.58
N GLN D 190 8.66 9.30 3.29
CA GLN D 190 9.24 10.11 2.23
C GLN D 190 8.48 11.43 2.03
N GLN D 191 7.15 11.36 2.10
CA GLN D 191 6.25 12.49 1.78
C GLN D 191 6.58 13.83 2.45
N PRO D 192 6.86 13.84 3.78
CA PRO D 192 7.25 15.07 4.46
C PRO D 192 8.48 15.79 3.88
N TYR D 193 9.46 15.02 3.40
CA TYR D 193 10.69 15.59 2.83
C TYR D 193 10.51 16.08 1.39
N VAL D 194 9.63 15.43 0.63
CA VAL D 194 9.23 15.91 -0.69
C VAL D 194 8.45 17.23 -0.54
N GLU D 195 7.55 17.28 0.45
CA GLU D 195 6.80 18.49 0.79
C GLU D 195 7.71 19.61 1.30
N ALA D 196 8.74 19.24 2.07
CA ALA D 196 9.74 20.19 2.57
C ALA D 196 10.59 20.74 1.45
N LEU D 197 11.08 19.85 0.59
CA LEU D 197 11.91 20.23 -0.56
C LEU D 197 11.13 21.04 -1.60
N LEU D 198 9.86 20.69 -1.81
CA LEU D 198 8.98 21.48 -2.69
C LEU D 198 8.78 22.89 -2.15
N SER D 199 8.58 23.00 -0.84
CA SER D 199 8.39 24.29 -0.18
C SER D 199 9.68 25.10 -0.11
N TYR D 200 10.81 24.43 0.13
CA TYR D 200 12.13 25.08 0.17
C TYR D 200 12.51 25.66 -1.19
N THR D 201 12.24 24.91 -2.26
CA THR D 201 12.50 25.35 -3.63
C THR D 201 11.62 26.52 -4.07
N ARG D 202 10.38 26.56 -3.55
CA ARG D 202 9.48 27.68 -3.81
C ARG D 202 9.97 29.00 -3.21
N ILE D 203 10.61 28.94 -2.05
CA ILE D 203 11.13 30.13 -1.35
C ILE D 203 12.42 30.62 -1.99
N LYS D 204 13.36 29.71 -2.19
CA LYS D 204 14.69 30.04 -2.74
C LYS D 204 14.60 30.64 -4.15
N ARG D 205 13.76 30.03 -5.00
CA ARG D 205 13.53 30.52 -6.36
C ARG D 205 12.03 30.51 -6.69
N PRO D 206 11.29 31.53 -6.22
CA PRO D 206 9.86 31.66 -6.57
C PRO D 206 9.68 31.83 -8.07
N GLN D 207 10.57 32.64 -8.66
CA GLN D 207 10.83 32.69 -10.11
C GLN D 207 10.71 31.35 -10.87
N ASP D 208 11.49 30.34 -10.47
CA ASP D 208 11.65 29.12 -11.27
C ASP D 208 10.85 27.92 -10.72
N GLN D 209 9.72 27.63 -11.36
CA GLN D 209 8.85 26.53 -10.95
C GLN D 209 9.46 25.18 -11.31
N LEU D 210 10.14 25.13 -12.46
CA LEU D 210 10.70 23.88 -12.98
C LEU D 210 12.07 23.50 -12.41
N ARG D 211 12.57 24.26 -11.44
CA ARG D 211 13.78 23.88 -10.70
C ARG D 211 13.57 22.59 -9.90
N PHE D 212 12.42 22.46 -9.24
CA PHE D 212 12.13 21.30 -8.40
C PHE D 212 12.00 19.98 -9.20
N PRO D 213 11.30 20.00 -10.36
CA PRO D 213 11.33 18.83 -11.27
C PRO D 213 12.73 18.42 -11.72
N ARG D 214 13.56 19.41 -12.07
CA ARG D 214 14.94 19.17 -12.49
C ARG D 214 15.79 18.50 -11.39
N MET D 215 15.46 18.76 -10.13
CA MET D 215 16.10 18.07 -9.00
C MET D 215 15.67 16.62 -8.94
N LEU D 216 14.36 16.39 -9.05
CA LEU D 216 13.78 15.04 -8.99
C LEU D 216 14.26 14.13 -10.12
N MET D 217 14.49 14.71 -11.30
CA MET D 217 14.99 13.93 -12.43
C MET D 217 16.48 13.58 -12.36
N LYS D 218 17.18 14.07 -11.33
CA LYS D 218 18.51 13.55 -10.99
C LYS D 218 18.46 12.25 -10.19
N LEU D 219 17.37 12.03 -9.43
CA LEU D 219 17.07 10.71 -8.86
C LEU D 219 16.89 9.65 -9.97
N VAL D 220 16.37 10.08 -11.11
CA VAL D 220 16.26 9.24 -12.29
C VAL D 220 17.66 8.81 -12.76
N SER D 221 18.56 9.78 -12.93
CA SER D 221 19.95 9.50 -13.29
C SER D 221 20.67 8.60 -12.29
N LEU D 222 20.46 8.85 -11.00
CA LEU D 222 21.05 8.04 -9.92
C LEU D 222 20.65 6.56 -9.93
N ARG D 223 19.46 6.24 -10.46
CA ARG D 223 19.05 4.84 -10.63
C ARG D 223 19.86 4.14 -11.74
N THR D 224 20.07 4.85 -12.84
CA THR D 224 20.93 4.36 -13.92
C THR D 224 22.37 4.19 -13.43
N LEU D 225 22.88 5.17 -12.67
CA LEU D 225 24.23 5.10 -12.09
C LEU D 225 24.40 4.01 -11.03
N SER D 226 23.32 3.73 -10.28
CA SER D 226 23.27 2.59 -9.38
C SER D 226 23.38 1.26 -10.13
N SER D 227 22.70 1.16 -11.28
CA SER D 227 22.74 -0.04 -12.11
C SER D 227 24.06 -0.18 -12.88
N VAL D 228 24.63 0.95 -13.31
CA VAL D 228 25.96 0.97 -13.94
C VAL D 228 27.06 0.58 -12.93
N HIS D 229 26.86 0.93 -11.65
CA HIS D 229 27.78 0.52 -10.58
C HIS D 229 27.79 -1.00 -10.33
N SER D 230 26.65 -1.66 -10.53
CA SER D 230 26.59 -3.13 -10.50
C SER D 230 27.47 -3.77 -11.60
N GLU D 231 27.44 -3.17 -12.78
CA GLU D 231 28.30 -3.59 -13.89
C GLU D 231 29.79 -3.29 -13.65
N GLN D 232 30.08 -2.21 -12.91
CA GLN D 232 31.46 -1.86 -12.55
C GLN D 232 32.11 -2.91 -11.64
N VAL D 233 31.48 -3.19 -10.50
CA VAL D 233 32.03 -4.16 -9.54
C VAL D 233 32.10 -5.61 -10.07
N PHE D 234 31.22 -5.95 -11.02
CA PHE D 234 31.31 -7.23 -11.74
C PHE D 234 32.54 -7.27 -12.66
N ALA D 235 32.85 -6.14 -13.30
CA ALA D 235 34.05 -6.00 -14.14
C ALA D 235 35.35 -6.03 -13.33
N LEU D 236 35.32 -5.49 -12.11
CA LEU D 236 36.47 -5.55 -11.20
C LEU D 236 36.70 -6.97 -10.63
N ARG D 237 35.63 -7.75 -10.48
CA ARG D 237 35.72 -9.15 -10.06
C ARG D 237 36.47 -10.01 -11.09
N LEU D 238 36.22 -9.75 -12.38
CA LEU D 238 36.98 -10.38 -13.46
C LEU D 238 38.45 -9.90 -13.52
N GLN D 239 38.67 -8.64 -13.15
CA GLN D 239 40.03 -8.08 -13.01
C GLN D 239 40.74 -8.46 -11.69
N ASP D 240 40.07 -9.21 -10.82
CA ASP D 240 40.63 -9.72 -9.57
C ASP D 240 40.86 -8.61 -8.54
N LYS D 241 39.83 -7.79 -8.32
CA LYS D 241 39.79 -6.82 -7.22
C LYS D 241 38.44 -6.93 -6.49
N LYS D 242 38.37 -7.88 -5.56
CA LYS D 242 37.18 -8.08 -4.73
C LYS D 242 37.11 -7.00 -3.65
N LEU D 243 35.90 -6.58 -3.32
CA LEU D 243 35.67 -5.48 -2.39
C LEU D 243 35.81 -5.99 -0.96
N PRO D 244 36.04 -5.08 0.02
CA PRO D 244 36.07 -5.50 1.42
C PRO D 244 34.68 -5.93 1.92
N PRO D 245 34.61 -6.76 2.98
CA PRO D 245 33.36 -7.44 3.37
C PRO D 245 32.15 -6.54 3.64
N LEU D 246 32.38 -5.29 4.07
CA LEU D 246 31.31 -4.30 4.22
C LEU D 246 30.70 -3.95 2.86
N LEU D 247 31.55 -3.58 1.92
CA LEU D 247 31.12 -3.18 0.57
C LEU D 247 30.69 -4.39 -0.25
N SER D 248 31.29 -5.55 0.04
CA SER D 248 30.91 -6.81 -0.59
C SER D 248 29.51 -7.26 -0.14
N GLU D 249 29.16 -6.98 1.11
CA GLU D 249 27.81 -7.25 1.64
C GLU D 249 26.74 -6.37 0.96
N ILE D 250 27.05 -5.10 0.77
CA ILE D 250 26.13 -4.14 0.13
C ILE D 250 25.99 -4.38 -1.38
N TRP D 251 27.11 -4.64 -2.07
CA TRP D 251 27.11 -4.81 -3.52
C TRP D 251 27.37 -6.25 -4.01
N ASP D 252 27.21 -7.23 -3.10
CA ASP D 252 27.21 -8.66 -3.44
C ASP D 252 28.54 -9.12 -4.07
N ILE D 264 25.93 -8.76 9.02
CA ILE D 264 27.12 -7.92 9.11
C ILE D 264 26.80 -6.43 9.26
N LEU D 265 25.74 -5.97 8.61
CA LEU D 265 25.28 -4.57 8.70
C LEU D 265 24.55 -4.19 10.00
N HIS D 266 24.18 -5.18 10.82
CA HIS D 266 23.39 -4.94 12.03
C HIS D 266 24.22 -4.26 13.13
N ARG D 267 25.49 -4.64 13.23
CA ARG D 267 26.44 -4.03 14.16
C ARG D 267 26.73 -2.56 13.83
N LEU D 268 26.68 -2.20 12.55
CA LEU D 268 26.87 -0.81 12.11
C LEU D 268 25.65 0.04 12.46
N LEU D 269 24.45 -0.55 12.33
CA LEU D 269 23.21 0.11 12.75
C LEU D 269 23.06 0.20 14.27
N GLN D 270 23.63 -0.77 14.99
CA GLN D 270 23.66 -0.77 16.47
C GLN D 270 25.02 -0.27 16.97
#